data_1NI8
# 
_entry.id   1NI8 
# 
_audit_conform.dict_name       mmcif_pdbx.dic 
_audit_conform.dict_version    5.392 
_audit_conform.dict_location   http://mmcif.pdb.org/dictionaries/ascii/mmcif_pdbx.dic 
# 
loop_
_database_2.database_id 
_database_2.database_code 
_database_2.pdbx_database_accession 
_database_2.pdbx_DOI 
PDB   1NI8         pdb_00001ni8 10.2210/pdb1ni8/pdb 
RCSB  RCSB017895   ?            ?                   
WWPDB D_1000017895 ?            ?                   
# 
loop_
_pdbx_audit_revision_history.ordinal 
_pdbx_audit_revision_history.data_content_type 
_pdbx_audit_revision_history.major_revision 
_pdbx_audit_revision_history.minor_revision 
_pdbx_audit_revision_history.revision_date 
1 'Structure model' 1 0 2003-02-18 
2 'Structure model' 1 1 2008-04-29 
3 'Structure model' 1 2 2011-07-13 
4 'Structure model' 1 3 2022-02-23 
5 'Structure model' 1 4 2024-05-22 
# 
_pdbx_audit_revision_details.ordinal             1 
_pdbx_audit_revision_details.revision_ordinal    1 
_pdbx_audit_revision_details.data_content_type   'Structure model' 
_pdbx_audit_revision_details.provider            repository 
_pdbx_audit_revision_details.type                'Initial release' 
_pdbx_audit_revision_details.description         ? 
_pdbx_audit_revision_details.details             ? 
# 
loop_
_pdbx_audit_revision_group.ordinal 
_pdbx_audit_revision_group.revision_ordinal 
_pdbx_audit_revision_group.data_content_type 
_pdbx_audit_revision_group.group 
1 2 'Structure model' 'Version format compliance' 
2 3 'Structure model' 'Version format compliance' 
3 4 'Structure model' 'Database references'       
4 4 'Structure model' 'Derived calculations'      
5 5 'Structure model' 'Data collection'           
# 
loop_
_pdbx_audit_revision_category.ordinal 
_pdbx_audit_revision_category.revision_ordinal 
_pdbx_audit_revision_category.data_content_type 
_pdbx_audit_revision_category.category 
1 4 'Structure model' database_2            
2 4 'Structure model' pdbx_struct_assembly  
3 4 'Structure model' pdbx_struct_oper_list 
4 5 'Structure model' chem_comp_atom        
5 5 'Structure model' chem_comp_bond        
# 
loop_
_pdbx_audit_revision_item.ordinal 
_pdbx_audit_revision_item.revision_ordinal 
_pdbx_audit_revision_item.data_content_type 
_pdbx_audit_revision_item.item 
1 4 'Structure model' '_database_2.pdbx_DOI'                
2 4 'Structure model' '_database_2.pdbx_database_accession' 
# 
_pdbx_database_status.status_code                     REL 
_pdbx_database_status.entry_id                        1NI8 
_pdbx_database_status.recvd_initial_deposition_date   2002-12-22 
_pdbx_database_status.deposit_site                    RCSB 
_pdbx_database_status.process_site                    RCSB 
_pdbx_database_status.SG_entry                        . 
_pdbx_database_status.pdb_format_compatible           Y 
_pdbx_database_status.status_code_mr                  ? 
_pdbx_database_status.status_code_sf                  ? 
_pdbx_database_status.status_code_cs                  ? 
_pdbx_database_status.status_code_nmr_data            ? 
_pdbx_database_status.methods_development_category    ? 
# 
loop_
_audit_author.name 
_audit_author.pdbx_ordinal 
'Bloch, V.'     1 
'Yang, Y.'      2 
'Margeat, E.'   3 
'Chavanieu, A.' 4 
'Aug, M.T.'     5 
'Robert, B.'    6 
'Arold, S.'     7 
'Rimsky, S.'    8 
'Kochoyan, M.'  9 
# 
_citation.id                        primary 
_citation.title                     'The H-NS dimerisation domain defines a new fold contributing to DNA recognition' 
_citation.journal_abbrev            Nat.Struct.Biol. 
_citation.journal_volume            10 
_citation.page_first                3 
_citation.page_last                 ? 
_citation.year                      2003 
_citation.journal_id_ASTM           NSBIEW 
_citation.country                   US 
_citation.journal_id_ISSN           1072-8368 
_citation.journal_id_CSD            2024 
_citation.book_publisher            ? 
_citation.pdbx_database_id_PubMed   12592399 
_citation.pdbx_database_id_DOI      10.1038/nsb904 
# 
loop_
_citation_author.citation_id 
_citation_author.name 
_citation_author.ordinal 
_citation_author.identifier_ORCID 
primary 'Bloch, V.'     1 ? 
primary 'Yang, Y.'      2 ? 
primary 'Margeat, E.'   3 ? 
primary 'Chavanieu, A.' 4 ? 
primary 'Auge, M.T.'    5 ? 
primary 'Robert, B.'    6 ? 
primary 'Arold, S.'     7 ? 
primary 'Rimsky, S.'    8 ? 
primary 'Kochoyan, M.'  9 ? 
# 
_entity.id                         1 
_entity.type                       polymer 
_entity.src_method                 man 
_entity.pdbx_description           'DNA-binding protein H-NS' 
_entity.formula_weight             5336.038 
_entity.pdbx_number_of_molecules   2 
_entity.pdbx_ec                    ? 
_entity.pdbx_mutation              none 
_entity.pdbx_fragment              'N-terminal residues 1-46' 
_entity.details                    ? 
# 
_entity_name_com.entity_id   1 
_entity_name_com.name        'H-NS; HISTONE-LIKE PROTEIN HLP-II; Protein H1; Protein B1' 
# 
_entity_poly.entity_id                      1 
_entity_poly.type                           'polypeptide(L)' 
_entity_poly.nstd_linkage                   no 
_entity_poly.nstd_monomer                   no 
_entity_poly.pdbx_seq_one_letter_code       SEALKILNNIRTLRAQARECTLETLEEMLEKLEVVVNERREEESAA 
_entity_poly.pdbx_seq_one_letter_code_can   SEALKILNNIRTLRAQARECTLETLEEMLEKLEVVVNERREEESAA 
_entity_poly.pdbx_strand_id                 A,B 
_entity_poly.pdbx_target_identifier         ? 
# 
loop_
_entity_poly_seq.entity_id 
_entity_poly_seq.num 
_entity_poly_seq.mon_id 
_entity_poly_seq.hetero 
1 1  SER n 
1 2  GLU n 
1 3  ALA n 
1 4  LEU n 
1 5  LYS n 
1 6  ILE n 
1 7  LEU n 
1 8  ASN n 
1 9  ASN n 
1 10 ILE n 
1 11 ARG n 
1 12 THR n 
1 13 LEU n 
1 14 ARG n 
1 15 ALA n 
1 16 GLN n 
1 17 ALA n 
1 18 ARG n 
1 19 GLU n 
1 20 CYS n 
1 21 THR n 
1 22 LEU n 
1 23 GLU n 
1 24 THR n 
1 25 LEU n 
1 26 GLU n 
1 27 GLU n 
1 28 MET n 
1 29 LEU n 
1 30 GLU n 
1 31 LYS n 
1 32 LEU n 
1 33 GLU n 
1 34 VAL n 
1 35 VAL n 
1 36 VAL n 
1 37 ASN n 
1 38 GLU n 
1 39 ARG n 
1 40 ARG n 
1 41 GLU n 
1 42 GLU n 
1 43 GLU n 
1 44 SER n 
1 45 ALA n 
1 46 ALA n 
# 
_entity_src_gen.entity_id                          1 
_entity_src_gen.pdbx_src_id                        1 
_entity_src_gen.pdbx_alt_source_flag               sample 
_entity_src_gen.pdbx_seq_type                      ? 
_entity_src_gen.pdbx_beg_seq_num                   ? 
_entity_src_gen.pdbx_end_seq_num                   ? 
_entity_src_gen.gene_src_common_name               ? 
_entity_src_gen.gene_src_genus                     Escherichia 
_entity_src_gen.pdbx_gene_src_gene                 hns 
_entity_src_gen.gene_src_species                   ? 
_entity_src_gen.gene_src_strain                    ? 
_entity_src_gen.gene_src_tissue                    ? 
_entity_src_gen.gene_src_tissue_fraction           ? 
_entity_src_gen.gene_src_details                   ? 
_entity_src_gen.pdbx_gene_src_fragment             ? 
_entity_src_gen.pdbx_gene_src_scientific_name      'Escherichia coli' 
_entity_src_gen.pdbx_gene_src_ncbi_taxonomy_id     562 
_entity_src_gen.pdbx_gene_src_variant              ? 
_entity_src_gen.pdbx_gene_src_cell_line            ? 
_entity_src_gen.pdbx_gene_src_atcc                 ? 
_entity_src_gen.pdbx_gene_src_organ                ? 
_entity_src_gen.pdbx_gene_src_organelle            ? 
_entity_src_gen.pdbx_gene_src_cell                 ? 
_entity_src_gen.pdbx_gene_src_cellular_location    ? 
_entity_src_gen.host_org_common_name               ? 
_entity_src_gen.pdbx_host_org_scientific_name      'Escherichia coli BL21(DE3)' 
_entity_src_gen.pdbx_host_org_ncbi_taxonomy_id     469008 
_entity_src_gen.host_org_genus                     Escherichia 
_entity_src_gen.pdbx_host_org_gene                 ? 
_entity_src_gen.pdbx_host_org_organ                ? 
_entity_src_gen.host_org_species                   'Escherichia coli' 
_entity_src_gen.pdbx_host_org_tissue               ? 
_entity_src_gen.pdbx_host_org_tissue_fraction      ? 
_entity_src_gen.pdbx_host_org_strain               'BL21 (DE3)' 
_entity_src_gen.pdbx_host_org_variant              ? 
_entity_src_gen.pdbx_host_org_cell_line            ? 
_entity_src_gen.pdbx_host_org_atcc                 ? 
_entity_src_gen.pdbx_host_org_culture_collection   ? 
_entity_src_gen.pdbx_host_org_cell                 ? 
_entity_src_gen.pdbx_host_org_organelle            ? 
_entity_src_gen.pdbx_host_org_cellular_location    ? 
_entity_src_gen.pdbx_host_org_vector_type          plasmid 
_entity_src_gen.pdbx_host_org_vector               ? 
_entity_src_gen.host_org_details                   ? 
_entity_src_gen.expression_system_id               ? 
_entity_src_gen.plasmid_name                       PQE30 
_entity_src_gen.plasmid_details                    ? 
_entity_src_gen.pdbx_description                   ? 
# 
loop_
_chem_comp.id 
_chem_comp.type 
_chem_comp.mon_nstd_flag 
_chem_comp.name 
_chem_comp.pdbx_synonyms 
_chem_comp.formula 
_chem_comp.formula_weight 
ALA 'L-peptide linking' y ALANINE         ? 'C3 H7 N O2'     89.093  
ARG 'L-peptide linking' y ARGININE        ? 'C6 H15 N4 O2 1' 175.209 
ASN 'L-peptide linking' y ASPARAGINE      ? 'C4 H8 N2 O3'    132.118 
CYS 'L-peptide linking' y CYSTEINE        ? 'C3 H7 N O2 S'   121.158 
GLN 'L-peptide linking' y GLUTAMINE       ? 'C5 H10 N2 O3'   146.144 
GLU 'L-peptide linking' y 'GLUTAMIC ACID' ? 'C5 H9 N O4'     147.129 
ILE 'L-peptide linking' y ISOLEUCINE      ? 'C6 H13 N O2'    131.173 
LEU 'L-peptide linking' y LEUCINE         ? 'C6 H13 N O2'    131.173 
LYS 'L-peptide linking' y LYSINE          ? 'C6 H15 N2 O2 1' 147.195 
MET 'L-peptide linking' y METHIONINE      ? 'C5 H11 N O2 S'  149.211 
SER 'L-peptide linking' y SERINE          ? 'C3 H7 N O3'     105.093 
THR 'L-peptide linking' y THREONINE       ? 'C4 H9 N O3'     119.119 
VAL 'L-peptide linking' y VALINE          ? 'C5 H11 N O2'    117.146 
# 
loop_
_pdbx_poly_seq_scheme.asym_id 
_pdbx_poly_seq_scheme.entity_id 
_pdbx_poly_seq_scheme.seq_id 
_pdbx_poly_seq_scheme.mon_id 
_pdbx_poly_seq_scheme.ndb_seq_num 
_pdbx_poly_seq_scheme.pdb_seq_num 
_pdbx_poly_seq_scheme.auth_seq_num 
_pdbx_poly_seq_scheme.pdb_mon_id 
_pdbx_poly_seq_scheme.auth_mon_id 
_pdbx_poly_seq_scheme.pdb_strand_id 
_pdbx_poly_seq_scheme.pdb_ins_code 
_pdbx_poly_seq_scheme.hetero 
A 1 1  SER 1  1  1  SER SER A . n 
A 1 2  GLU 2  2  2  GLU GLU A . n 
A 1 3  ALA 3  3  3  ALA ALA A . n 
A 1 4  LEU 4  4  4  LEU LEU A . n 
A 1 5  LYS 5  5  5  LYS LYS A . n 
A 1 6  ILE 6  6  6  ILE ILE A . n 
A 1 7  LEU 7  7  7  LEU LEU A . n 
A 1 8  ASN 8  8  8  ASN ASN A . n 
A 1 9  ASN 9  9  9  ASN ASN A . n 
A 1 10 ILE 10 10 10 ILE ILE A . n 
A 1 11 ARG 11 11 11 ARG ARG A . n 
A 1 12 THR 12 12 12 THR THR A . n 
A 1 13 LEU 13 13 13 LEU LEU A . n 
A 1 14 ARG 14 14 14 ARG ARG A . n 
A 1 15 ALA 15 15 15 ALA ALA A . n 
A 1 16 GLN 16 16 16 GLN GLN A . n 
A 1 17 ALA 17 17 17 ALA ALA A . n 
A 1 18 ARG 18 18 18 ARG ARG A . n 
A 1 19 GLU 19 19 19 GLU GLU A . n 
A 1 20 CYS 20 20 20 CYS CYS A . n 
A 1 21 THR 21 21 21 THR THR A . n 
A 1 22 LEU 22 22 22 LEU LEU A . n 
A 1 23 GLU 23 23 23 GLU GLU A . n 
A 1 24 THR 24 24 24 THR THR A . n 
A 1 25 LEU 25 25 25 LEU LEU A . n 
A 1 26 GLU 26 26 26 GLU GLU A . n 
A 1 27 GLU 27 27 27 GLU GLU A . n 
A 1 28 MET 28 28 28 MET MET A . n 
A 1 29 LEU 29 29 29 LEU LEU A . n 
A 1 30 GLU 30 30 30 GLU GLU A . n 
A 1 31 LYS 31 31 31 LYS LYS A . n 
A 1 32 LEU 32 32 32 LEU LEU A . n 
A 1 33 GLU 33 33 33 GLU GLU A . n 
A 1 34 VAL 34 34 34 VAL VAL A . n 
A 1 35 VAL 35 35 35 VAL VAL A . n 
A 1 36 VAL 36 36 36 VAL VAL A . n 
A 1 37 ASN 37 37 37 ASN ASN A . n 
A 1 38 GLU 38 38 38 GLU GLU A . n 
A 1 39 ARG 39 39 39 ARG ARG A . n 
A 1 40 ARG 40 40 40 ARG ARG A . n 
A 1 41 GLU 41 41 41 GLU GLU A . n 
A 1 42 GLU 42 42 42 GLU GLU A . n 
A 1 43 GLU 43 43 43 GLU GLU A . n 
A 1 44 SER 44 44 44 SER SER A . n 
A 1 45 ALA 45 45 45 ALA ALA A . n 
A 1 46 ALA 46 46 46 ALA ALA A . n 
B 1 1  SER 1  1  1  SER SER B . n 
B 1 2  GLU 2  2  2  GLU GLU B . n 
B 1 3  ALA 3  3  3  ALA ALA B . n 
B 1 4  LEU 4  4  4  LEU LEU B . n 
B 1 5  LYS 5  5  5  LYS LYS B . n 
B 1 6  ILE 6  6  6  ILE ILE B . n 
B 1 7  LEU 7  7  7  LEU LEU B . n 
B 1 8  ASN 8  8  8  ASN ASN B . n 
B 1 9  ASN 9  9  9  ASN ASN B . n 
B 1 10 ILE 10 10 10 ILE ILE B . n 
B 1 11 ARG 11 11 11 ARG ARG B . n 
B 1 12 THR 12 12 12 THR THR B . n 
B 1 13 LEU 13 13 13 LEU LEU B . n 
B 1 14 ARG 14 14 14 ARG ARG B . n 
B 1 15 ALA 15 15 15 ALA ALA B . n 
B 1 16 GLN 16 16 16 GLN GLN B . n 
B 1 17 ALA 17 17 17 ALA ALA B . n 
B 1 18 ARG 18 18 18 ARG ARG B . n 
B 1 19 GLU 19 19 19 GLU GLU B . n 
B 1 20 CYS 20 20 20 CYS CYS B . n 
B 1 21 THR 21 21 21 THR THR B . n 
B 1 22 LEU 22 22 22 LEU LEU B . n 
B 1 23 GLU 23 23 23 GLU GLU B . n 
B 1 24 THR 24 24 24 THR THR B . n 
B 1 25 LEU 25 25 25 LEU LEU B . n 
B 1 26 GLU 26 26 26 GLU GLU B . n 
B 1 27 GLU 27 27 27 GLU GLU B . n 
B 1 28 MET 28 28 28 MET MET B . n 
B 1 29 LEU 29 29 29 LEU LEU B . n 
B 1 30 GLU 30 30 30 GLU GLU B . n 
B 1 31 LYS 31 31 31 LYS LYS B . n 
B 1 32 LEU 32 32 32 LEU LEU B . n 
B 1 33 GLU 33 33 33 GLU GLU B . n 
B 1 34 VAL 34 34 34 VAL VAL B . n 
B 1 35 VAL 35 35 35 VAL VAL B . n 
B 1 36 VAL 36 36 36 VAL VAL B . n 
B 1 37 ASN 37 37 37 ASN ASN B . n 
B 1 38 GLU 38 38 38 GLU GLU B . n 
B 1 39 ARG 39 39 39 ARG ARG B . n 
B 1 40 ARG 40 40 40 ARG ARG B . n 
B 1 41 GLU 41 41 41 GLU GLU B . n 
B 1 42 GLU 42 42 42 GLU GLU B . n 
B 1 43 GLU 43 43 43 GLU GLU B . n 
B 1 44 SER 44 44 44 SER SER B . n 
B 1 45 ALA 45 45 45 ALA ALA B . n 
B 1 46 ALA 46 46 46 ALA ALA B . n 
# 
_exptl.entry_id          1NI8 
_exptl.method            'SOLUTION NMR' 
_exptl.crystals_number   ? 
# 
_struct.entry_id                  1NI8 
_struct.title                     'H-NS dimerization motif' 
_struct.pdbx_model_details        ? 
_struct.pdbx_CASP_flag            ? 
_struct.pdbx_model_type_details   ? 
# 
_struct_keywords.entry_id        1NI8 
_struct_keywords.pdbx_keywords   'DNA BINDING PROTEIN' 
_struct_keywords.text            'dimerization, protein-DNA interaction, DNA BINDING PROTEIN' 
# 
loop_
_struct_asym.id 
_struct_asym.pdbx_blank_PDB_chainid_flag 
_struct_asym.pdbx_modified 
_struct_asym.entity_id 
_struct_asym.details 
A N N 1 ? 
B N N 1 ? 
# 
_struct_ref.id                         1 
_struct_ref.entity_id                  1 
_struct_ref.db_name                    UNP 
_struct_ref.db_code                    HNS_ECOLI 
_struct_ref.pdbx_db_accession          P0ACF8 
_struct_ref.pdbx_align_begin           1 
_struct_ref.pdbx_seq_one_letter_code   SEALKILNNIRTLRAQARECTLETLEEMLEKLEVVVNERREEESAA 
_struct_ref.pdbx_db_isoform            ? 
# 
loop_
_struct_ref_seq.align_id 
_struct_ref_seq.ref_id 
_struct_ref_seq.pdbx_PDB_id_code 
_struct_ref_seq.pdbx_strand_id 
_struct_ref_seq.seq_align_beg 
_struct_ref_seq.pdbx_seq_align_beg_ins_code 
_struct_ref_seq.seq_align_end 
_struct_ref_seq.pdbx_seq_align_end_ins_code 
_struct_ref_seq.pdbx_db_accession 
_struct_ref_seq.db_align_beg 
_struct_ref_seq.pdbx_db_align_beg_ins_code 
_struct_ref_seq.db_align_end 
_struct_ref_seq.pdbx_db_align_end_ins_code 
_struct_ref_seq.pdbx_auth_seq_align_beg 
_struct_ref_seq.pdbx_auth_seq_align_end 
1 1 1NI8 A 1 ? 46 ? P0ACF8 1 ? 46 ? 1 46 
2 1 1NI8 B 1 ? 46 ? P0ACF8 1 ? 46 ? 1 46 
# 
_pdbx_struct_assembly.id                   1 
_pdbx_struct_assembly.details              author_defined_assembly 
_pdbx_struct_assembly.method_details       ? 
_pdbx_struct_assembly.oligomeric_details   dimeric 
_pdbx_struct_assembly.oligomeric_count     2 
# 
_pdbx_struct_assembly_gen.assembly_id       1 
_pdbx_struct_assembly_gen.oper_expression   1 
_pdbx_struct_assembly_gen.asym_id_list      A,B 
# 
_pdbx_struct_oper_list.id                   1 
_pdbx_struct_oper_list.type                 'identity operation' 
_pdbx_struct_oper_list.name                 1_555 
_pdbx_struct_oper_list.symmetry_operation   x,y,z 
_pdbx_struct_oper_list.matrix[1][1]         1.0000000000 
_pdbx_struct_oper_list.matrix[1][2]         0.0000000000 
_pdbx_struct_oper_list.matrix[1][3]         0.0000000000 
_pdbx_struct_oper_list.vector[1]            0.0000000000 
_pdbx_struct_oper_list.matrix[2][1]         0.0000000000 
_pdbx_struct_oper_list.matrix[2][2]         1.0000000000 
_pdbx_struct_oper_list.matrix[2][3]         0.0000000000 
_pdbx_struct_oper_list.vector[2]            0.0000000000 
_pdbx_struct_oper_list.matrix[3][1]         0.0000000000 
_pdbx_struct_oper_list.matrix[3][2]         0.0000000000 
_pdbx_struct_oper_list.matrix[3][3]         1.0000000000 
_pdbx_struct_oper_list.vector[3]            0.0000000000 
# 
_struct_biol.id   1 
# 
loop_
_struct_conf.conf_type_id 
_struct_conf.id 
_struct_conf.pdbx_PDB_helix_id 
_struct_conf.beg_label_comp_id 
_struct_conf.beg_label_asym_id 
_struct_conf.beg_label_seq_id 
_struct_conf.pdbx_beg_PDB_ins_code 
_struct_conf.end_label_comp_id 
_struct_conf.end_label_asym_id 
_struct_conf.end_label_seq_id 
_struct_conf.pdbx_end_PDB_ins_code 
_struct_conf.beg_auth_comp_id 
_struct_conf.beg_auth_asym_id 
_struct_conf.beg_auth_seq_id 
_struct_conf.end_auth_comp_id 
_struct_conf.end_auth_asym_id 
_struct_conf.end_auth_seq_id 
_struct_conf.pdbx_PDB_helix_class 
_struct_conf.details 
_struct_conf.pdbx_PDB_helix_length 
HELX_P HELX_P1 1 SER A 1  ? ASN A 9  ? SER A 1  ASN A 9  1 ? 9  
HELX_P HELX_P2 2 ASN A 9  ? ARG A 18 ? ASN A 9  ARG A 18 1 ? 10 
HELX_P HELX_P3 3 THR A 21 ? ALA A 46 ? THR A 21 ALA A 46 1 ? 26 
HELX_P HELX_P4 4 SER B 1  ? ASN B 9  ? SER B 1  ASN B 9  1 ? 9  
HELX_P HELX_P5 5 ASN B 9  ? ARG B 18 ? ASN B 9  ARG B 18 1 ? 10 
HELX_P HELX_P6 6 THR B 21 ? ALA B 46 ? THR B 21 ALA B 46 1 ? 26 
# 
_struct_conf_type.id          HELX_P 
_struct_conf_type.criteria    ? 
_struct_conf_type.reference   ? 
# 
_pdbx_nmr_ensemble.entry_id                                      1NI8 
_pdbx_nmr_ensemble.conformers_calculated_total_number            ? 
_pdbx_nmr_ensemble.conformers_submitted_total_number             1 
_pdbx_nmr_ensemble.conformer_selection_criteria                  ? 
_pdbx_nmr_ensemble.average_constraints_per_residue               ? 
_pdbx_nmr_ensemble.average_constraint_violations_per_residue     ? 
_pdbx_nmr_ensemble.maximum_distance_constraint_violation         ? 
_pdbx_nmr_ensemble.average_distance_constraint_violation         ? 
_pdbx_nmr_ensemble.maximum_upper_distance_constraint_violation   ? 
_pdbx_nmr_ensemble.maximum_lower_distance_constraint_violation   ? 
_pdbx_nmr_ensemble.distance_constraint_violation_method          ? 
_pdbx_nmr_ensemble.maximum_torsion_angle_constraint_violation    ? 
_pdbx_nmr_ensemble.average_torsion_angle_constraint_violation    ? 
_pdbx_nmr_ensemble.torsion_angle_constraint_violation_method     ? 
# 
_pdbx_nmr_representative.entry_id             1NI8 
_pdbx_nmr_representative.conformer_id         1 
_pdbx_nmr_representative.selection_criteria   'fewest violations' 
# 
_pdbx_nmr_sample_details.solution_id      1 
_pdbx_nmr_sample_details.contents         'peptide 1 to 2 mM' 
_pdbx_nmr_sample_details.solvent_system   '200 mM NaCl, 10 mM Phosphate, pH 6.8' 
# 
_pdbx_nmr_exptl_sample_conditions.conditions_id       1 
_pdbx_nmr_exptl_sample_conditions.temperature         308 
_pdbx_nmr_exptl_sample_conditions.pressure            normal 
_pdbx_nmr_exptl_sample_conditions.pH                  6.8 
_pdbx_nmr_exptl_sample_conditions.ionic_strength      '200 mM NaCl' 
_pdbx_nmr_exptl_sample_conditions.pressure_units      ? 
_pdbx_nmr_exptl_sample_conditions.temperature_units   K 
# 
loop_
_pdbx_nmr_exptl.experiment_id 
_pdbx_nmr_exptl.solution_id 
_pdbx_nmr_exptl.conditions_id 
_pdbx_nmr_exptl.type 
1 1 1 '2D NOESY'                       
2 1 1 '2D TOCSY'                       
3 1 1 3D_15N-separated_NOESY           
4 1 1 '13C filtred-12Cedited 2D-NOESY' 
# 
_pdbx_nmr_details.entry_id   1NI8 
_pdbx_nmr_details.text       'experiments on heterolabelled 13C-12C dimer' 
# 
_pdbx_nmr_refine.entry_id           1NI8 
_pdbx_nmr_refine.method             'SA annealing' 
_pdbx_nmr_refine.details            ? 
_pdbx_nmr_refine.software_ordinal   1 
# 
loop_
_pdbx_nmr_software.name 
_pdbx_nmr_software.version 
_pdbx_nmr_software.classification 
_pdbx_nmr_software.authors 
_pdbx_nmr_software.ordinal 
Gifa   4   processing           Delsuc            1 
X-PLOR 3.8 'structure solution' 'Brunger, Nilges' 2 
X-PLOR 3.8 refinement           'Brunger, Nilges' 3 
# 
loop_
_chem_comp_atom.comp_id 
_chem_comp_atom.atom_id 
_chem_comp_atom.type_symbol 
_chem_comp_atom.pdbx_aromatic_flag 
_chem_comp_atom.pdbx_stereo_config 
_chem_comp_atom.pdbx_ordinal 
ALA N    N N N 1   
ALA CA   C N S 2   
ALA C    C N N 3   
ALA O    O N N 4   
ALA CB   C N N 5   
ALA OXT  O N N 6   
ALA H    H N N 7   
ALA H2   H N N 8   
ALA HA   H N N 9   
ALA HB1  H N N 10  
ALA HB2  H N N 11  
ALA HB3  H N N 12  
ALA HXT  H N N 13  
ARG N    N N N 14  
ARG CA   C N S 15  
ARG C    C N N 16  
ARG O    O N N 17  
ARG CB   C N N 18  
ARG CG   C N N 19  
ARG CD   C N N 20  
ARG NE   N N N 21  
ARG CZ   C N N 22  
ARG NH1  N N N 23  
ARG NH2  N N N 24  
ARG OXT  O N N 25  
ARG H    H N N 26  
ARG H2   H N N 27  
ARG HA   H N N 28  
ARG HB2  H N N 29  
ARG HB3  H N N 30  
ARG HG2  H N N 31  
ARG HG3  H N N 32  
ARG HD2  H N N 33  
ARG HD3  H N N 34  
ARG HE   H N N 35  
ARG HH11 H N N 36  
ARG HH12 H N N 37  
ARG HH21 H N N 38  
ARG HH22 H N N 39  
ARG HXT  H N N 40  
ASN N    N N N 41  
ASN CA   C N S 42  
ASN C    C N N 43  
ASN O    O N N 44  
ASN CB   C N N 45  
ASN CG   C N N 46  
ASN OD1  O N N 47  
ASN ND2  N N N 48  
ASN OXT  O N N 49  
ASN H    H N N 50  
ASN H2   H N N 51  
ASN HA   H N N 52  
ASN HB2  H N N 53  
ASN HB3  H N N 54  
ASN HD21 H N N 55  
ASN HD22 H N N 56  
ASN HXT  H N N 57  
CYS N    N N N 58  
CYS CA   C N R 59  
CYS C    C N N 60  
CYS O    O N N 61  
CYS CB   C N N 62  
CYS SG   S N N 63  
CYS OXT  O N N 64  
CYS H    H N N 65  
CYS H2   H N N 66  
CYS HA   H N N 67  
CYS HB2  H N N 68  
CYS HB3  H N N 69  
CYS HG   H N N 70  
CYS HXT  H N N 71  
GLN N    N N N 72  
GLN CA   C N S 73  
GLN C    C N N 74  
GLN O    O N N 75  
GLN CB   C N N 76  
GLN CG   C N N 77  
GLN CD   C N N 78  
GLN OE1  O N N 79  
GLN NE2  N N N 80  
GLN OXT  O N N 81  
GLN H    H N N 82  
GLN H2   H N N 83  
GLN HA   H N N 84  
GLN HB2  H N N 85  
GLN HB3  H N N 86  
GLN HG2  H N N 87  
GLN HG3  H N N 88  
GLN HE21 H N N 89  
GLN HE22 H N N 90  
GLN HXT  H N N 91  
GLU N    N N N 92  
GLU CA   C N S 93  
GLU C    C N N 94  
GLU O    O N N 95  
GLU CB   C N N 96  
GLU CG   C N N 97  
GLU CD   C N N 98  
GLU OE1  O N N 99  
GLU OE2  O N N 100 
GLU OXT  O N N 101 
GLU H    H N N 102 
GLU H2   H N N 103 
GLU HA   H N N 104 
GLU HB2  H N N 105 
GLU HB3  H N N 106 
GLU HG2  H N N 107 
GLU HG3  H N N 108 
GLU HE2  H N N 109 
GLU HXT  H N N 110 
ILE N    N N N 111 
ILE CA   C N S 112 
ILE C    C N N 113 
ILE O    O N N 114 
ILE CB   C N S 115 
ILE CG1  C N N 116 
ILE CG2  C N N 117 
ILE CD1  C N N 118 
ILE OXT  O N N 119 
ILE H    H N N 120 
ILE H2   H N N 121 
ILE HA   H N N 122 
ILE HB   H N N 123 
ILE HG12 H N N 124 
ILE HG13 H N N 125 
ILE HG21 H N N 126 
ILE HG22 H N N 127 
ILE HG23 H N N 128 
ILE HD11 H N N 129 
ILE HD12 H N N 130 
ILE HD13 H N N 131 
ILE HXT  H N N 132 
LEU N    N N N 133 
LEU CA   C N S 134 
LEU C    C N N 135 
LEU O    O N N 136 
LEU CB   C N N 137 
LEU CG   C N N 138 
LEU CD1  C N N 139 
LEU CD2  C N N 140 
LEU OXT  O N N 141 
LEU H    H N N 142 
LEU H2   H N N 143 
LEU HA   H N N 144 
LEU HB2  H N N 145 
LEU HB3  H N N 146 
LEU HG   H N N 147 
LEU HD11 H N N 148 
LEU HD12 H N N 149 
LEU HD13 H N N 150 
LEU HD21 H N N 151 
LEU HD22 H N N 152 
LEU HD23 H N N 153 
LEU HXT  H N N 154 
LYS N    N N N 155 
LYS CA   C N S 156 
LYS C    C N N 157 
LYS O    O N N 158 
LYS CB   C N N 159 
LYS CG   C N N 160 
LYS CD   C N N 161 
LYS CE   C N N 162 
LYS NZ   N N N 163 
LYS OXT  O N N 164 
LYS H    H N N 165 
LYS H2   H N N 166 
LYS HA   H N N 167 
LYS HB2  H N N 168 
LYS HB3  H N N 169 
LYS HG2  H N N 170 
LYS HG3  H N N 171 
LYS HD2  H N N 172 
LYS HD3  H N N 173 
LYS HE2  H N N 174 
LYS HE3  H N N 175 
LYS HZ1  H N N 176 
LYS HZ2  H N N 177 
LYS HZ3  H N N 178 
LYS HXT  H N N 179 
MET N    N N N 180 
MET CA   C N S 181 
MET C    C N N 182 
MET O    O N N 183 
MET CB   C N N 184 
MET CG   C N N 185 
MET SD   S N N 186 
MET CE   C N N 187 
MET OXT  O N N 188 
MET H    H N N 189 
MET H2   H N N 190 
MET HA   H N N 191 
MET HB2  H N N 192 
MET HB3  H N N 193 
MET HG2  H N N 194 
MET HG3  H N N 195 
MET HE1  H N N 196 
MET HE2  H N N 197 
MET HE3  H N N 198 
MET HXT  H N N 199 
SER N    N N N 200 
SER CA   C N S 201 
SER C    C N N 202 
SER O    O N N 203 
SER CB   C N N 204 
SER OG   O N N 205 
SER OXT  O N N 206 
SER H    H N N 207 
SER H2   H N N 208 
SER HA   H N N 209 
SER HB2  H N N 210 
SER HB3  H N N 211 
SER HG   H N N 212 
SER HXT  H N N 213 
THR N    N N N 214 
THR CA   C N S 215 
THR C    C N N 216 
THR O    O N N 217 
THR CB   C N R 218 
THR OG1  O N N 219 
THR CG2  C N N 220 
THR OXT  O N N 221 
THR H    H N N 222 
THR H2   H N N 223 
THR HA   H N N 224 
THR HB   H N N 225 
THR HG1  H N N 226 
THR HG21 H N N 227 
THR HG22 H N N 228 
THR HG23 H N N 229 
THR HXT  H N N 230 
VAL N    N N N 231 
VAL CA   C N S 232 
VAL C    C N N 233 
VAL O    O N N 234 
VAL CB   C N N 235 
VAL CG1  C N N 236 
VAL CG2  C N N 237 
VAL OXT  O N N 238 
VAL H    H N N 239 
VAL H2   H N N 240 
VAL HA   H N N 241 
VAL HB   H N N 242 
VAL HG11 H N N 243 
VAL HG12 H N N 244 
VAL HG13 H N N 245 
VAL HG21 H N N 246 
VAL HG22 H N N 247 
VAL HG23 H N N 248 
VAL HXT  H N N 249 
# 
loop_
_chem_comp_bond.comp_id 
_chem_comp_bond.atom_id_1 
_chem_comp_bond.atom_id_2 
_chem_comp_bond.value_order 
_chem_comp_bond.pdbx_aromatic_flag 
_chem_comp_bond.pdbx_stereo_config 
_chem_comp_bond.pdbx_ordinal 
ALA N   CA   sing N N 1   
ALA N   H    sing N N 2   
ALA N   H2   sing N N 3   
ALA CA  C    sing N N 4   
ALA CA  CB   sing N N 5   
ALA CA  HA   sing N N 6   
ALA C   O    doub N N 7   
ALA C   OXT  sing N N 8   
ALA CB  HB1  sing N N 9   
ALA CB  HB2  sing N N 10  
ALA CB  HB3  sing N N 11  
ALA OXT HXT  sing N N 12  
ARG N   CA   sing N N 13  
ARG N   H    sing N N 14  
ARG N   H2   sing N N 15  
ARG CA  C    sing N N 16  
ARG CA  CB   sing N N 17  
ARG CA  HA   sing N N 18  
ARG C   O    doub N N 19  
ARG C   OXT  sing N N 20  
ARG CB  CG   sing N N 21  
ARG CB  HB2  sing N N 22  
ARG CB  HB3  sing N N 23  
ARG CG  CD   sing N N 24  
ARG CG  HG2  sing N N 25  
ARG CG  HG3  sing N N 26  
ARG CD  NE   sing N N 27  
ARG CD  HD2  sing N N 28  
ARG CD  HD3  sing N N 29  
ARG NE  CZ   sing N N 30  
ARG NE  HE   sing N N 31  
ARG CZ  NH1  sing N N 32  
ARG CZ  NH2  doub N N 33  
ARG NH1 HH11 sing N N 34  
ARG NH1 HH12 sing N N 35  
ARG NH2 HH21 sing N N 36  
ARG NH2 HH22 sing N N 37  
ARG OXT HXT  sing N N 38  
ASN N   CA   sing N N 39  
ASN N   H    sing N N 40  
ASN N   H2   sing N N 41  
ASN CA  C    sing N N 42  
ASN CA  CB   sing N N 43  
ASN CA  HA   sing N N 44  
ASN C   O    doub N N 45  
ASN C   OXT  sing N N 46  
ASN CB  CG   sing N N 47  
ASN CB  HB2  sing N N 48  
ASN CB  HB3  sing N N 49  
ASN CG  OD1  doub N N 50  
ASN CG  ND2  sing N N 51  
ASN ND2 HD21 sing N N 52  
ASN ND2 HD22 sing N N 53  
ASN OXT HXT  sing N N 54  
CYS N   CA   sing N N 55  
CYS N   H    sing N N 56  
CYS N   H2   sing N N 57  
CYS CA  C    sing N N 58  
CYS CA  CB   sing N N 59  
CYS CA  HA   sing N N 60  
CYS C   O    doub N N 61  
CYS C   OXT  sing N N 62  
CYS CB  SG   sing N N 63  
CYS CB  HB2  sing N N 64  
CYS CB  HB3  sing N N 65  
CYS SG  HG   sing N N 66  
CYS OXT HXT  sing N N 67  
GLN N   CA   sing N N 68  
GLN N   H    sing N N 69  
GLN N   H2   sing N N 70  
GLN CA  C    sing N N 71  
GLN CA  CB   sing N N 72  
GLN CA  HA   sing N N 73  
GLN C   O    doub N N 74  
GLN C   OXT  sing N N 75  
GLN CB  CG   sing N N 76  
GLN CB  HB2  sing N N 77  
GLN CB  HB3  sing N N 78  
GLN CG  CD   sing N N 79  
GLN CG  HG2  sing N N 80  
GLN CG  HG3  sing N N 81  
GLN CD  OE1  doub N N 82  
GLN CD  NE2  sing N N 83  
GLN NE2 HE21 sing N N 84  
GLN NE2 HE22 sing N N 85  
GLN OXT HXT  sing N N 86  
GLU N   CA   sing N N 87  
GLU N   H    sing N N 88  
GLU N   H2   sing N N 89  
GLU CA  C    sing N N 90  
GLU CA  CB   sing N N 91  
GLU CA  HA   sing N N 92  
GLU C   O    doub N N 93  
GLU C   OXT  sing N N 94  
GLU CB  CG   sing N N 95  
GLU CB  HB2  sing N N 96  
GLU CB  HB3  sing N N 97  
GLU CG  CD   sing N N 98  
GLU CG  HG2  sing N N 99  
GLU CG  HG3  sing N N 100 
GLU CD  OE1  doub N N 101 
GLU CD  OE2  sing N N 102 
GLU OE2 HE2  sing N N 103 
GLU OXT HXT  sing N N 104 
ILE N   CA   sing N N 105 
ILE N   H    sing N N 106 
ILE N   H2   sing N N 107 
ILE CA  C    sing N N 108 
ILE CA  CB   sing N N 109 
ILE CA  HA   sing N N 110 
ILE C   O    doub N N 111 
ILE C   OXT  sing N N 112 
ILE CB  CG1  sing N N 113 
ILE CB  CG2  sing N N 114 
ILE CB  HB   sing N N 115 
ILE CG1 CD1  sing N N 116 
ILE CG1 HG12 sing N N 117 
ILE CG1 HG13 sing N N 118 
ILE CG2 HG21 sing N N 119 
ILE CG2 HG22 sing N N 120 
ILE CG2 HG23 sing N N 121 
ILE CD1 HD11 sing N N 122 
ILE CD1 HD12 sing N N 123 
ILE CD1 HD13 sing N N 124 
ILE OXT HXT  sing N N 125 
LEU N   CA   sing N N 126 
LEU N   H    sing N N 127 
LEU N   H2   sing N N 128 
LEU CA  C    sing N N 129 
LEU CA  CB   sing N N 130 
LEU CA  HA   sing N N 131 
LEU C   O    doub N N 132 
LEU C   OXT  sing N N 133 
LEU CB  CG   sing N N 134 
LEU CB  HB2  sing N N 135 
LEU CB  HB3  sing N N 136 
LEU CG  CD1  sing N N 137 
LEU CG  CD2  sing N N 138 
LEU CG  HG   sing N N 139 
LEU CD1 HD11 sing N N 140 
LEU CD1 HD12 sing N N 141 
LEU CD1 HD13 sing N N 142 
LEU CD2 HD21 sing N N 143 
LEU CD2 HD22 sing N N 144 
LEU CD2 HD23 sing N N 145 
LEU OXT HXT  sing N N 146 
LYS N   CA   sing N N 147 
LYS N   H    sing N N 148 
LYS N   H2   sing N N 149 
LYS CA  C    sing N N 150 
LYS CA  CB   sing N N 151 
LYS CA  HA   sing N N 152 
LYS C   O    doub N N 153 
LYS C   OXT  sing N N 154 
LYS CB  CG   sing N N 155 
LYS CB  HB2  sing N N 156 
LYS CB  HB3  sing N N 157 
LYS CG  CD   sing N N 158 
LYS CG  HG2  sing N N 159 
LYS CG  HG3  sing N N 160 
LYS CD  CE   sing N N 161 
LYS CD  HD2  sing N N 162 
LYS CD  HD3  sing N N 163 
LYS CE  NZ   sing N N 164 
LYS CE  HE2  sing N N 165 
LYS CE  HE3  sing N N 166 
LYS NZ  HZ1  sing N N 167 
LYS NZ  HZ2  sing N N 168 
LYS NZ  HZ3  sing N N 169 
LYS OXT HXT  sing N N 170 
MET N   CA   sing N N 171 
MET N   H    sing N N 172 
MET N   H2   sing N N 173 
MET CA  C    sing N N 174 
MET CA  CB   sing N N 175 
MET CA  HA   sing N N 176 
MET C   O    doub N N 177 
MET C   OXT  sing N N 178 
MET CB  CG   sing N N 179 
MET CB  HB2  sing N N 180 
MET CB  HB3  sing N N 181 
MET CG  SD   sing N N 182 
MET CG  HG2  sing N N 183 
MET CG  HG3  sing N N 184 
MET SD  CE   sing N N 185 
MET CE  HE1  sing N N 186 
MET CE  HE2  sing N N 187 
MET CE  HE3  sing N N 188 
MET OXT HXT  sing N N 189 
SER N   CA   sing N N 190 
SER N   H    sing N N 191 
SER N   H2   sing N N 192 
SER CA  C    sing N N 193 
SER CA  CB   sing N N 194 
SER CA  HA   sing N N 195 
SER C   O    doub N N 196 
SER C   OXT  sing N N 197 
SER CB  OG   sing N N 198 
SER CB  HB2  sing N N 199 
SER CB  HB3  sing N N 200 
SER OG  HG   sing N N 201 
SER OXT HXT  sing N N 202 
THR N   CA   sing N N 203 
THR N   H    sing N N 204 
THR N   H2   sing N N 205 
THR CA  C    sing N N 206 
THR CA  CB   sing N N 207 
THR CA  HA   sing N N 208 
THR C   O    doub N N 209 
THR C   OXT  sing N N 210 
THR CB  OG1  sing N N 211 
THR CB  CG2  sing N N 212 
THR CB  HB   sing N N 213 
THR OG1 HG1  sing N N 214 
THR CG2 HG21 sing N N 215 
THR CG2 HG22 sing N N 216 
THR CG2 HG23 sing N N 217 
THR OXT HXT  sing N N 218 
VAL N   CA   sing N N 219 
VAL N   H    sing N N 220 
VAL N   H2   sing N N 221 
VAL CA  C    sing N N 222 
VAL CA  CB   sing N N 223 
VAL CA  HA   sing N N 224 
VAL C   O    doub N N 225 
VAL C   OXT  sing N N 226 
VAL CB  CG1  sing N N 227 
VAL CB  CG2  sing N N 228 
VAL CB  HB   sing N N 229 
VAL CG1 HG11 sing N N 230 
VAL CG1 HG12 sing N N 231 
VAL CG1 HG13 sing N N 232 
VAL CG2 HG21 sing N N 233 
VAL CG2 HG22 sing N N 234 
VAL CG2 HG23 sing N N 235 
VAL OXT HXT  sing N N 236 
# 
loop_
_pdbx_nmr_spectrometer.spectrometer_id 
_pdbx_nmr_spectrometer.type 
_pdbx_nmr_spectrometer.manufacturer 
_pdbx_nmr_spectrometer.model 
_pdbx_nmr_spectrometer.field_strength 
1 ? Bruker DMX   600 
2 ? Varian INOVA 800 
# 
_atom_sites.entry_id                    1NI8 
_atom_sites.fract_transf_matrix[1][1]   1.000000 
_atom_sites.fract_transf_matrix[1][2]   0.000000 
_atom_sites.fract_transf_matrix[1][3]   0.000000 
_atom_sites.fract_transf_matrix[2][1]   0.000000 
_atom_sites.fract_transf_matrix[2][2]   1.000000 
_atom_sites.fract_transf_matrix[2][3]   0.000000 
_atom_sites.fract_transf_matrix[3][1]   0.000000 
_atom_sites.fract_transf_matrix[3][2]   0.000000 
_atom_sites.fract_transf_matrix[3][3]   1.000000 
_atom_sites.fract_transf_vector[1]      0.00000 
_atom_sites.fract_transf_vector[2]      0.00000 
_atom_sites.fract_transf_vector[3]      0.00000 
# 
loop_
_atom_type.symbol 
C 
N 
O 
S 
# 
loop_
_atom_site.group_PDB 
_atom_site.id 
_atom_site.type_symbol 
_atom_site.label_atom_id 
_atom_site.label_alt_id 
_atom_site.label_comp_id 
_atom_site.label_asym_id 
_atom_site.label_entity_id 
_atom_site.label_seq_id 
_atom_site.pdbx_PDB_ins_code 
_atom_site.Cartn_x 
_atom_site.Cartn_y 
_atom_site.Cartn_z 
_atom_site.occupancy 
_atom_site.B_iso_or_equiv 
_atom_site.pdbx_formal_charge 
_atom_site.auth_seq_id 
_atom_site.auth_comp_id 
_atom_site.auth_asym_id 
_atom_site.auth_atom_id 
_atom_site.pdbx_PDB_model_num 
ATOM 1   N N   . SER A 1 1  ? 0.683   -4.298  -13.361 1.00 0.00 ? 1  SER A N   1 
ATOM 2   C CA  . SER A 1 1  ? 0.608   -3.294  -12.253 1.00 0.00 ? 1  SER A CA  1 
ATOM 3   C C   . SER A 1 1  ? -0.853  -2.903  -11.987 1.00 0.00 ? 1  SER A C   1 
ATOM 4   O O   . SER A 1 1  ? -1.214  -1.739  -12.008 1.00 0.00 ? 1  SER A O   1 
ATOM 5   C CB  . SER A 1 1  ? 1.416   -2.087  -12.748 1.00 0.00 ? 1  SER A CB  1 
ATOM 6   O OG  . SER A 1 1  ? 0.875   -1.624  -13.980 1.00 0.00 ? 1  SER A OG  1 
ATOM 7   N N   . GLU A 1 2  ? -1.695  -3.872  -11.721 1.00 0.00 ? 2  GLU A N   1 
ATOM 8   C CA  . GLU A 1 2  ? -3.135  -3.566  -11.448 1.00 0.00 ? 2  GLU A CA  1 
ATOM 9   C C   . GLU A 1 2  ? -3.347  -3.237  -9.962  1.00 0.00 ? 2  GLU A C   1 
ATOM 10  O O   . GLU A 1 2  ? -4.254  -2.505  -9.610  1.00 0.00 ? 2  GLU A O   1 
ATOM 11  C CB  . GLU A 1 2  ? -3.919  -4.825  -11.857 1.00 0.00 ? 2  GLU A CB  1 
ATOM 12  C CG  . GLU A 1 2  ? -3.474  -6.037  -11.023 1.00 0.00 ? 2  GLU A CG  1 
ATOM 13  C CD  . GLU A 1 2  ? -2.698  -7.014  -11.912 1.00 0.00 ? 2  GLU A CD  1 
ATOM 14  O OE1 . GLU A 1 2  ? -3.329  -7.834  -12.556 1.00 0.00 ? 2  GLU A OE1 1 
ATOM 15  O OE2 . GLU A 1 2  ? -1.478  -6.923  -11.930 1.00 0.00 ? 2  GLU A OE2 1 
ATOM 16  N N   . ALA A 1 3  ? -2.515  -3.754  -9.092  1.00 0.00 ? 3  ALA A N   1 
ATOM 17  C CA  . ALA A 1 3  ? -2.665  -3.451  -7.638  1.00 0.00 ? 3  ALA A CA  1 
ATOM 18  C C   . ALA A 1 3  ? -1.961  -2.131  -7.304  1.00 0.00 ? 3  ALA A C   1 
ATOM 19  O O   . ALA A 1 3  ? -2.349  -1.426  -6.394  1.00 0.00 ? 3  ALA A O   1 
ATOM 20  C CB  . ALA A 1 3  ? -1.995  -4.620  -6.910  1.00 0.00 ? 3  ALA A CB  1 
ATOM 21  N N   . LEU A 1 4  ? -0.934  -1.792  -8.052  1.00 0.00 ? 4  LEU A N   1 
ATOM 22  C CA  . LEU A 1 4  ? -0.205  -0.514  -7.795  1.00 0.00 ? 4  LEU A CA  1 
ATOM 23  C C   . LEU A 1 4  ? -1.035  0.672   -8.296  1.00 0.00 ? 4  LEU A C   1 
ATOM 24  O O   . LEU A 1 4  ? -1.075  1.714   -7.670  1.00 0.00 ? 4  LEU A O   1 
ATOM 25  C CB  . LEU A 1 4  ? 1.101   -0.628  -8.588  1.00 0.00 ? 4  LEU A CB  1 
ATOM 26  C CG  . LEU A 1 4  ? 2.252   -0.984  -7.636  1.00 0.00 ? 4  LEU A CG  1 
ATOM 27  C CD1 . LEU A 1 4  ? 2.264   -2.490  -7.377  1.00 0.00 ? 4  LEU A CD1 1 
ATOM 28  C CD2 . LEU A 1 4  ? 3.577   -0.565  -8.271  1.00 0.00 ? 4  LEU A CD2 1 
ATOM 29  N N   . LYS A 1 5  ? -1.703  0.526   -9.420  1.00 0.00 ? 5  LYS A N   1 
ATOM 30  C CA  . LYS A 1 5  ? -2.536  1.649   -9.949  1.00 0.00 ? 5  LYS A CA  1 
ATOM 31  C C   . LYS A 1 5  ? -3.773  1.862   -9.066  1.00 0.00 ? 5  LYS A C   1 
ATOM 32  O O   . LYS A 1 5  ? -4.273  2.963   -8.944  1.00 0.00 ? 5  LYS A O   1 
ATOM 33  C CB  . LYS A 1 5  ? -2.928  1.243   -11.379 1.00 0.00 ? 5  LYS A CB  1 
ATOM 34  C CG  . LYS A 1 5  ? -3.867  0.036   -11.362 1.00 0.00 ? 5  LYS A CG  1 
ATOM 35  C CD  . LYS A 1 5  ? -4.205  -0.375  -12.795 1.00 0.00 ? 5  LYS A CD  1 
ATOM 36  C CE  . LYS A 1 5  ? -5.396  0.444   -13.303 1.00 0.00 ? 5  LYS A CE  1 
ATOM 37  N NZ  . LYS A 1 5  ? -6.599  -0.389  -13.010 1.00 0.00 ? 5  LYS A NZ  1 
ATOM 38  N N   . ILE A 1 6  ? -4.262  0.817   -8.439  1.00 0.00 ? 6  ILE A N   1 
ATOM 39  C CA  . ILE A 1 6  ? -5.454  0.960   -7.548  1.00 0.00 ? 6  ILE A CA  1 
ATOM 40  C C   . ILE A 1 6  ? -5.072  1.762   -6.299  1.00 0.00 ? 6  ILE A C   1 
ATOM 41  O O   . ILE A 1 6  ? -5.856  2.541   -5.789  1.00 0.00 ? 6  ILE A O   1 
ATOM 42  C CB  . ILE A 1 6  ? -5.854  -0.479  -7.185  1.00 0.00 ? 6  ILE A CB  1 
ATOM 43  C CG1 . ILE A 1 6  ? -6.787  -1.037  -8.269  1.00 0.00 ? 6  ILE A CG1 1 
ATOM 44  C CG2 . ILE A 1 6  ? -6.568  -0.504  -5.824  1.00 0.00 ? 6  ILE A CG2 1 
ATOM 45  C CD1 . ILE A 1 6  ? -8.190  -0.439  -8.126  1.00 0.00 ? 6  ILE A CD1 1 
ATOM 46  N N   . LEU A 1 7  ? -3.872  1.572   -5.808  1.00 0.00 ? 7  LEU A N   1 
ATOM 47  C CA  . LEU A 1 7  ? -3.421  2.323   -4.589  1.00 0.00 ? 7  LEU A CA  1 
ATOM 48  C C   . LEU A 1 7  ? -3.479  3.839   -4.835  1.00 0.00 ? 7  LEU A C   1 
ATOM 49  O O   . LEU A 1 7  ? -3.583  4.618   -3.907  1.00 0.00 ? 7  LEU A O   1 
ATOM 50  C CB  . LEU A 1 7  ? -1.975  1.879   -4.355  1.00 0.00 ? 7  LEU A CB  1 
ATOM 51  C CG  . LEU A 1 7  ? -1.960  0.489   -3.710  1.00 0.00 ? 7  LEU A CG  1 
ATOM 52  C CD1 . LEU A 1 7  ? -0.562  -0.123  -3.837  1.00 0.00 ? 7  LEU A CD1 1 
ATOM 53  C CD2 . LEU A 1 7  ? -2.330  0.607   -2.228  1.00 0.00 ? 7  LEU A CD2 1 
ATOM 54  N N   . ASN A 1 8  ? -3.420  4.264   -6.077  1.00 0.00 ? 8  ASN A N   1 
ATOM 55  C CA  . ASN A 1 8  ? -3.471  5.725   -6.380  1.00 0.00 ? 8  ASN A CA  1 
ATOM 56  C C   . ASN A 1 8  ? -4.872  6.284   -6.097  1.00 0.00 ? 8  ASN A C   1 
ATOM 57  O O   . ASN A 1 8  ? -5.019  7.433   -5.722  1.00 0.00 ? 8  ASN A O   1 
ATOM 58  C CB  . ASN A 1 8  ? -3.130  5.831   -7.867  1.00 0.00 ? 8  ASN A CB  1 
ATOM 59  C CG  . ASN A 1 8  ? -1.672  5.417   -8.089  1.00 0.00 ? 8  ASN A CG  1 
ATOM 60  O OD1 . ASN A 1 8  ? -1.410  4.357   -8.621  1.00 0.00 ? 8  ASN A OD1 1 
ATOM 61  N ND2 . ASN A 1 8  ? -0.712  6.213   -7.709  1.00 0.00 ? 8  ASN A ND2 1 
ATOM 62  N N   . ASN A 1 9  ? -5.892  5.479   -6.254  1.00 0.00 ? 9  ASN A N   1 
ATOM 63  C CA  . ASN A 1 9  ? -7.277  5.959   -5.975  1.00 0.00 ? 9  ASN A CA  1 
ATOM 64  C C   . ASN A 1 9  ? -7.667  5.547   -4.553  1.00 0.00 ? 9  ASN A C   1 
ATOM 65  O O   . ASN A 1 9  ? -8.121  4.447   -4.316  1.00 0.00 ? 9  ASN A O   1 
ATOM 66  C CB  . ASN A 1 9  ? -8.182  5.292   -7.022  1.00 0.00 ? 9  ASN A CB  1 
ATOM 67  C CG  . ASN A 1 9  ? -7.510  5.324   -8.401  1.00 0.00 ? 9  ASN A CG  1 
ATOM 68  O OD1 . ASN A 1 9  ? -6.988  4.329   -8.857  1.00 0.00 ? 9  ASN A OD1 1 
ATOM 69  N ND2 . ASN A 1 9  ? -7.504  6.435   -9.091  1.00 0.00 ? 9  ASN A ND2 1 
ATOM 70  N N   . ILE A 1 10 ? -7.452  6.422   -3.596  1.00 0.00 ? 10 ILE A N   1 
ATOM 71  C CA  . ILE A 1 10 ? -7.766  6.095   -2.174  1.00 0.00 ? 10 ILE A CA  1 
ATOM 72  C C   . ILE A 1 10 ? -9.256  5.776   -1.981  1.00 0.00 ? 10 ILE A C   1 
ATOM 73  O O   . ILE A 1 10 ? -9.599  4.914   -1.199  1.00 0.00 ? 10 ILE A O   1 
ATOM 74  C CB  . ILE A 1 10 ? -7.352  7.337   -1.369  1.00 0.00 ? 10 ILE A CB  1 
ATOM 75  C CG1 . ILE A 1 10 ? -7.435  7.027   0.129   1.00 0.00 ? 10 ILE A CG1 1 
ATOM 76  C CG2 . ILE A 1 10 ? -8.277  8.516   -1.694  1.00 0.00 ? 10 ILE A CG2 1 
ATOM 77  C CD1 . ILE A 1 10 ? -6.043  7.128   0.748   1.00 0.00 ? 10 ILE A CD1 1 
ATOM 78  N N   . ARG A 1 11 ? -10.136 6.449   -2.680  1.00 0.00 ? 11 ARG A N   1 
ATOM 79  C CA  . ARG A 1 11 ? -11.601 6.161   -2.527  1.00 0.00 ? 11 ARG A CA  1 
ATOM 80  C C   . ARG A 1 11 ? -11.868 4.676   -2.801  1.00 0.00 ? 11 ARG A C   1 
ATOM 81  O O   . ARG A 1 11 ? -12.642 4.037   -2.114  1.00 0.00 ? 11 ARG A O   1 
ATOM 82  C CB  . ARG A 1 11 ? -12.302 7.033   -3.569  1.00 0.00 ? 11 ARG A CB  1 
ATOM 83  C CG  . ARG A 1 11 ? -12.015 8.511   -3.291  1.00 0.00 ? 11 ARG A CG  1 
ATOM 84  C CD  . ARG A 1 11 ? -11.966 9.277   -4.612  1.00 0.00 ? 11 ARG A CD  1 
ATOM 85  N NE  . ARG A 1 11 ? -11.900 10.720  -4.222  1.00 0.00 ? 11 ARG A NE  1 
ATOM 86  C CZ  . ARG A 1 11 ? -10.744 11.327  -4.071  1.00 0.00 ? 11 ARG A CZ  1 
ATOM 87  N NH1 . ARG A 1 11 ? -9.625  10.642  -4.032  1.00 0.00 ? 11 ARG A NH1 1 
ATOM 88  N NH2 . ARG A 1 11 ? -10.708 12.630  -3.952  1.00 0.00 ? 11 ARG A NH2 1 
ATOM 89  N N   . THR A 1 12 ? -11.219 4.122   -3.798  1.00 0.00 ? 12 THR A N   1 
ATOM 90  C CA  . THR A 1 12 ? -11.406 2.676   -4.118  1.00 0.00 ? 12 THR A CA  1 
ATOM 91  C C   . THR A 1 12 ? -10.874 1.824   -2.959  1.00 0.00 ? 12 THR A C   1 
ATOM 92  O O   . THR A 1 12 ? -11.564 0.952   -2.464  1.00 0.00 ? 12 THR A O   1 
ATOM 93  C CB  . THR A 1 12 ? -10.602 2.434   -5.400  1.00 0.00 ? 12 THR A CB  1 
ATOM 94  O OG1 . THR A 1 12 ? -11.286 3.017   -6.503  1.00 0.00 ? 12 THR A OG1 1 
ATOM 95  C CG2 . THR A 1 12 ? -10.430 0.933   -5.641  1.00 0.00 ? 12 THR A CG2 1 
ATOM 96  N N   . LEU A 1 13 ? -9.667  2.083   -2.511  1.00 0.00 ? 13 LEU A N   1 
ATOM 97  C CA  . LEU A 1 13 ? -9.110  1.306   -1.371  1.00 0.00 ? 13 LEU A CA  1 
ATOM 98  C C   . LEU A 1 13 ? -9.965  1.552   -0.121  1.00 0.00 ? 13 LEU A C   1 
ATOM 99  O O   . LEU A 1 13 ? -10.127 0.684   0.715   1.00 0.00 ? 13 LEU A O   1 
ATOM 100 C CB  . LEU A 1 13 ? -7.690  1.844   -1.173  1.00 0.00 ? 13 LEU A CB  1 
ATOM 101 C CG  . LEU A 1 13 ? -6.778  0.706   -0.710  1.00 0.00 ? 13 LEU A CG  1 
ATOM 102 C CD1 . LEU A 1 13 ? -6.271  -0.074  -1.925  1.00 0.00 ? 13 LEU A CD1 1 
ATOM 103 C CD2 . LEU A 1 13 ? -5.584  1.281   0.057   1.00 0.00 ? 13 LEU A CD2 1 
ATOM 104 N N   . ARG A 1 14 ? -10.531 2.731   -0.015  1.00 0.00 ? 14 ARG A N   1 
ATOM 105 C CA  . ARG A 1 14 ? -11.406 3.074   1.145   1.00 0.00 ? 14 ARG A CA  1 
ATOM 106 C C   . ARG A 1 14 ? -12.562 2.074   1.249   1.00 0.00 ? 14 ARG A C   1 
ATOM 107 O O   . ARG A 1 14 ? -12.857 1.560   2.312   1.00 0.00 ? 14 ARG A O   1 
ATOM 108 C CB  . ARG A 1 14 ? -11.938 4.478   0.831   1.00 0.00 ? 14 ARG A CB  1 
ATOM 109 C CG  . ARG A 1 14 ? -12.580 5.087   2.073   1.00 0.00 ? 14 ARG A CG  1 
ATOM 110 C CD  . ARG A 1 14 ? -13.462 6.269   1.665   1.00 0.00 ? 14 ARG A CD  1 
ATOM 111 N NE  . ARG A 1 14 ? -13.340 7.247   2.785   1.00 0.00 ? 14 ARG A NE  1 
ATOM 112 C CZ  . ARG A 1 14 ? -14.318 8.089   3.052   1.00 0.00 ? 14 ARG A CZ  1 
ATOM 113 N NH1 . ARG A 1 14 ? -15.305 8.256   2.204   1.00 0.00 ? 14 ARG A NH1 1 
ATOM 114 N NH2 . ARG A 1 14 ? -14.289 8.779   4.164   1.00 0.00 ? 14 ARG A NH2 1 
ATOM 115 N N   . ALA A 1 15 ? -13.210 1.781   0.141   1.00 0.00 ? 15 ALA A N   1 
ATOM 116 C CA  . ALA A 1 15 ? -14.340 0.800   0.166   1.00 0.00 ? 15 ALA A CA  1 
ATOM 117 C C   . ALA A 1 15 ? -13.813 -0.600  0.491   1.00 0.00 ? 15 ALA A C   1 
ATOM 118 O O   . ALA A 1 15 ? -14.464 -1.378  1.168   1.00 0.00 ? 15 ALA A O   1 
ATOM 119 C CB  . ALA A 1 15 ? -14.925 0.826   -1.250  1.00 0.00 ? 15 ALA A CB  1 
ATOM 120 N N   . GLN A 1 16 ? -12.636 -0.928  0.015   1.00 0.00 ? 16 GLN A N   1 
ATOM 121 C CA  . GLN A 1 16 ? -12.057 -2.280  0.292   1.00 0.00 ? 16 GLN A CA  1 
ATOM 122 C C   . GLN A 1 16 ? -11.639 -2.395  1.765   1.00 0.00 ? 16 GLN A C   1 
ATOM 123 O O   . GLN A 1 16 ? -11.737 -3.450  2.359   1.00 0.00 ? 16 GLN A O   1 
ATOM 124 C CB  . GLN A 1 16 ? -10.831 -2.402  -0.621  1.00 0.00 ? 16 GLN A CB  1 
ATOM 125 C CG  . GLN A 1 16 ? -11.199 -2.060  -2.075  1.00 0.00 ? 16 GLN A CG  1 
ATOM 126 C CD  . GLN A 1 16 ? -12.012 -3.197  -2.701  1.00 0.00 ? 16 GLN A CD  1 
ATOM 127 O OE1 . GLN A 1 16 ? -12.505 -4.073  -2.012  1.00 0.00 ? 16 GLN A OE1 1 
ATOM 128 N NE2 . GLN A 1 16 ? -12.182 -3.214  -3.993  1.00 0.00 ? 16 GLN A NE2 1 
ATOM 129 N N   . ALA A 1 17 ? -11.172 -1.318  2.356   1.00 0.00 ? 17 ALA A N   1 
ATOM 130 C CA  . ALA A 1 17 ? -10.742 -1.368  3.791   1.00 0.00 ? 17 ALA A CA  1 
ATOM 131 C C   . ALA A 1 17 ? -11.946 -1.578  4.714   1.00 0.00 ? 17 ALA A C   1 
ATOM 132 O O   . ALA A 1 17 ? -11.821 -2.165  5.776   1.00 0.00 ? 17 ALA A O   1 
ATOM 133 C CB  . ALA A 1 17 ? -10.093 -0.017  4.071   1.00 0.00 ? 17 ALA A CB  1 
ATOM 134 N N   . ARG A 1 18 ? -13.100 -1.104  4.326   1.00 0.00 ? 18 ARG A N   1 
ATOM 135 C CA  . ARG A 1 18 ? -14.319 -1.271  5.177   1.00 0.00 ? 18 ARG A CA  1 
ATOM 136 C C   . ARG A 1 18 ? -14.661 -2.756  5.359   1.00 0.00 ? 18 ARG A C   1 
ATOM 137 O O   . ARG A 1 18 ? -15.363 -3.122  6.281   1.00 0.00 ? 18 ARG A O   1 
ATOM 138 C CB  . ARG A 1 18 ? -15.438 -0.548  4.418   1.00 0.00 ? 18 ARG A CB  1 
ATOM 139 C CG  . ARG A 1 18 ? -15.420 0.941   4.772   1.00 0.00 ? 18 ARG A CG  1 
ATOM 140 C CD  . ARG A 1 18 ? -16.217 1.731   3.729   1.00 0.00 ? 18 ARG A CD  1 
ATOM 141 N NE  . ARG A 1 18 ? -17.404 2.262   4.460   1.00 0.00 ? 18 ARG A NE  1 
ATOM 142 C CZ  . ARG A 1 18 ? -18.467 1.507   4.670   1.00 0.00 ? 18 ARG A CZ  1 
ATOM 143 N NH1 . ARG A 1 18 ? -18.620 0.364   4.046   1.00 0.00 ? 18 ARG A NH1 1 
ATOM 144 N NH2 . ARG A 1 18 ? -19.387 1.915   5.509   1.00 0.00 ? 18 ARG A NH2 1 
ATOM 145 N N   . GLU A 1 19 ? -14.174 -3.617  4.492   1.00 0.00 ? 19 GLU A N   1 
ATOM 146 C CA  . GLU A 1 19 ? -14.481 -5.071  4.624   1.00 0.00 ? 19 GLU A CA  1 
ATOM 147 C C   . GLU A 1 19 ? -13.308 -5.849  5.252   1.00 0.00 ? 19 GLU A C   1 
ATOM 148 O O   . GLU A 1 19 ? -13.286 -7.066  5.216   1.00 0.00 ? 19 GLU A O   1 
ATOM 149 C CB  . GLU A 1 19 ? -14.734 -5.546  3.190   1.00 0.00 ? 19 GLU A CB  1 
ATOM 150 C CG  . GLU A 1 19 ? -15.694 -6.741  3.210   1.00 0.00 ? 19 GLU A CG  1 
ATOM 151 C CD  . GLU A 1 19 ? -16.996 -6.364  2.495   1.00 0.00 ? 19 GLU A CD  1 
ATOM 152 O OE1 . GLU A 1 19 ? -17.874 -5.821  3.148   1.00 0.00 ? 19 GLU A OE1 1 
ATOM 153 O OE2 . GLU A 1 19 ? -17.091 -6.623  1.306   1.00 0.00 ? 19 GLU A OE2 1 
ATOM 154 N N   . CYS A 1 20 ? -12.344 -5.174  5.833   1.00 0.00 ? 20 CYS A N   1 
ATOM 155 C CA  . CYS A 1 20 ? -11.193 -5.898  6.462   1.00 0.00 ? 20 CYS A CA  1 
ATOM 156 C C   . CYS A 1 20 ? -10.906 -5.353  7.865   1.00 0.00 ? 20 CYS A C   1 
ATOM 157 O O   . CYS A 1 20 ? -11.290 -4.253  8.210   1.00 0.00 ? 20 CYS A O   1 
ATOM 158 C CB  . CYS A 1 20 ? -9.982  -5.660  5.555   1.00 0.00 ? 20 CYS A CB  1 
ATOM 159 S SG  . CYS A 1 20 ? -10.484 -5.689  3.815   1.00 0.00 ? 20 CYS A SG  1 
ATOM 160 N N   . THR A 1 21 ? -10.231 -6.128  8.677   1.00 0.00 ? 21 THR A N   1 
ATOM 161 C CA  . THR A 1 21 ? -9.903  -5.678  10.063  1.00 0.00 ? 21 THR A CA  1 
ATOM 162 C C   . THR A 1 21 ? -8.646  -4.797  10.072  1.00 0.00 ? 21 THR A C   1 
ATOM 163 O O   . THR A 1 21 ? -7.894  -4.758  9.117   1.00 0.00 ? 21 THR A O   1 
ATOM 164 C CB  . THR A 1 21 ? -9.657  -6.966  10.868  1.00 0.00 ? 21 THR A CB  1 
ATOM 165 O OG1 . THR A 1 21 ? -8.826  -7.842  10.119  1.00 0.00 ? 21 THR A OG1 1 
ATOM 166 C CG2 . THR A 1 21 ? -10.995 -7.651  11.159  1.00 0.00 ? 21 THR A CG2 1 
ATOM 167 N N   . LEU A 1 22 ? -8.420  -4.085  11.154  1.00 0.00 ? 22 LEU A N   1 
ATOM 168 C CA  . LEU A 1 22 ? -7.220  -3.192  11.248  1.00 0.00 ? 22 LEU A CA  1 
ATOM 169 C C   . LEU A 1 22 ? -5.921  -4.013  11.205  1.00 0.00 ? 22 LEU A C   1 
ATOM 170 O O   . LEU A 1 22 ? -4.936  -3.586  10.633  1.00 0.00 ? 22 LEU A O   1 
ATOM 171 C CB  . LEU A 1 22 ? -7.353  -2.486  12.600  1.00 0.00 ? 22 LEU A CB  1 
ATOM 172 C CG  . LEU A 1 22 ? -6.540  -1.186  12.583  1.00 0.00 ? 22 LEU A CG  1 
ATOM 173 C CD1 . LEU A 1 22 ? -7.246  -0.148  11.705  1.00 0.00 ? 22 LEU A CD1 1 
ATOM 174 C CD2 . LEU A 1 22 ? -6.414  -0.643  14.007  1.00 0.00 ? 22 LEU A CD2 1 
ATOM 175 N N   . GLU A 1 23 ? -5.907  -5.174  11.813  1.00 0.00 ? 23 GLU A N   1 
ATOM 176 C CA  . GLU A 1 23 ? -4.664  -6.018  11.812  1.00 0.00 ? 23 GLU A CA  1 
ATOM 177 C C   . GLU A 1 23 ? -4.224  -6.332  10.375  1.00 0.00 ? 23 GLU A C   1 
ATOM 178 O O   . GLU A 1 23 ? -3.053  -6.288  10.058  1.00 0.00 ? 23 GLU A O   1 
ATOM 179 C CB  . GLU A 1 23 ? -5.029  -7.296  12.581  1.00 0.00 ? 23 GLU A CB  1 
ATOM 180 C CG  . GLU A 1 23 ? -6.077  -8.108  11.810  1.00 0.00 ? 23 GLU A CG  1 
ATOM 181 C CD  . GLU A 1 23 ? -6.738  -9.121  12.748  1.00 0.00 ? 23 GLU A CD  1 
ATOM 182 O OE1 . GLU A 1 23 ? -6.150  -10.164 12.969  1.00 0.00 ? 23 GLU A OE1 1 
ATOM 183 O OE2 . GLU A 1 23 ? -7.823  -8.830  13.224  1.00 0.00 ? 23 GLU A OE2 1 
ATOM 184 N N   . THR A 1 24 ? -5.158  -6.630  9.505   1.00 0.00 ? 24 THR A N   1 
ATOM 185 C CA  . THR A 1 24 ? -4.794  -6.921  8.084   1.00 0.00 ? 24 THR A CA  1 
ATOM 186 C C   . THR A 1 24 ? -4.294  -5.630  7.419   1.00 0.00 ? 24 THR A C   1 
ATOM 187 O O   . THR A 1 24 ? -3.419  -5.655  6.579   1.00 0.00 ? 24 THR A O   1 
ATOM 188 C CB  . THR A 1 24 ? -6.084  -7.415  7.419   1.00 0.00 ? 24 THR A CB  1 
ATOM 189 O OG1 . THR A 1 24 ? -6.619  -8.499  8.170   1.00 0.00 ? 24 THR A OG1 1 
ATOM 190 C CG2 . THR A 1 24 ? -5.790  -7.883  5.990   1.00 0.00 ? 24 THR A CG2 1 
ATOM 191 N N   . LEU A 1 25 ? -4.846  -4.503  7.811   1.00 0.00 ? 25 LEU A N   1 
ATOM 192 C CA  . LEU A 1 25 ? -4.407  -3.197  7.233   1.00 0.00 ? 25 LEU A CA  1 
ATOM 193 C C   . LEU A 1 25 ? -2.979  -2.874  7.691   1.00 0.00 ? 25 LEU A C   1 
ATOM 194 O O   . LEU A 1 25 ? -2.215  -2.269  6.964   1.00 0.00 ? 25 LEU A O   1 
ATOM 195 C CB  . LEU A 1 25 ? -5.395  -2.160  7.780   1.00 0.00 ? 25 LEU A CB  1 
ATOM 196 C CG  . LEU A 1 25 ? -6.759  -2.339  7.105   1.00 0.00 ? 25 LEU A CG  1 
ATOM 197 C CD1 . LEU A 1 25 ? -7.830  -1.590  7.903   1.00 0.00 ? 25 LEU A CD1 1 
ATOM 198 C CD2 . LEU A 1 25 ? -6.704  -1.777  5.680   1.00 0.00 ? 25 LEU A CD2 1 
ATOM 199 N N   . GLU A 1 26 ? -2.613  -3.293  8.884   1.00 0.00 ? 26 GLU A N   1 
ATOM 200 C CA  . GLU A 1 26 ? -1.228  -3.023  9.379   1.00 0.00 ? 26 GLU A CA  1 
ATOM 201 C C   . GLU A 1 26 ? -0.220  -3.833  8.557   1.00 0.00 ? 26 GLU A C   1 
ATOM 202 O O   . GLU A 1 26 ? 0.810   -3.327  8.148   1.00 0.00 ? 26 GLU A O   1 
ATOM 203 C CB  . GLU A 1 26 ? -1.214  -3.476  10.844  1.00 0.00 ? 26 GLU A CB  1 
ATOM 204 C CG  . GLU A 1 26 ? -2.264  -2.700  11.646  1.00 0.00 ? 26 GLU A CG  1 
ATOM 205 C CD  . GLU A 1 26 ? -1.943  -1.204  11.618  1.00 0.00 ? 26 GLU A CD  1 
ATOM 206 O OE1 . GLU A 1 26 ? -0.948  -0.839  11.016  1.00 0.00 ? 26 GLU A OE1 1 
ATOM 207 O OE2 . GLU A 1 26 ? -2.702  -0.445  12.202  1.00 0.00 ? 26 GLU A OE2 1 
ATOM 208 N N   . GLU A 1 27 ? -0.524  -5.081  8.294   1.00 0.00 ? 27 GLU A N   1 
ATOM 209 C CA  . GLU A 1 27 ? 0.398   -5.931  7.477   1.00 0.00 ? 27 GLU A CA  1 
ATOM 210 C C   . GLU A 1 27 ? 0.519   -5.346  6.066   1.00 0.00 ? 27 GLU A C   1 
ATOM 211 O O   . GLU A 1 27 ? 1.592   -5.275  5.504   1.00 0.00 ? 27 GLU A O   1 
ATOM 212 C CB  . GLU A 1 27 ? -0.252  -7.317  7.416   1.00 0.00 ? 27 GLU A CB  1 
ATOM 213 C CG  . GLU A 1 27 ? -0.464  -7.858  8.832   1.00 0.00 ? 27 GLU A CG  1 
ATOM 214 C CD  . GLU A 1 27 ? 0.168   -9.249  8.951   1.00 0.00 ? 27 GLU A CD  1 
ATOM 215 O OE1 . GLU A 1 27 ? 1.353   -9.320  9.235   1.00 0.00 ? 27 GLU A OE1 1 
ATOM 216 O OE2 . GLU A 1 27 ? -0.541  -10.221 8.749   1.00 0.00 ? 27 GLU A OE2 1 
ATOM 217 N N   . MET A 1 28 ? -0.588  -4.919  5.506   1.00 0.00 ? 28 MET A N   1 
ATOM 218 C CA  . MET A 1 28 ? -0.559  -4.321  4.133   1.00 0.00 ? 28 MET A CA  1 
ATOM 219 C C   . MET A 1 28 ? 0.344   -3.081  4.116   1.00 0.00 ? 28 MET A C   1 
ATOM 220 O O   . MET A 1 28 ? 1.094   -2.865  3.183   1.00 0.00 ? 28 MET A O   1 
ATOM 221 C CB  . MET A 1 28 ? -2.008  -3.937  3.830   1.00 0.00 ? 28 MET A CB  1 
ATOM 222 C CG  . MET A 1 28 ? -2.707  -5.102  3.123   1.00 0.00 ? 28 MET A CG  1 
ATOM 223 S SD  . MET A 1 28 ? -4.302  -4.540  2.479   1.00 0.00 ? 28 MET A SD  1 
ATOM 224 C CE  . MET A 1 28 ? -5.317  -5.065  3.882   1.00 0.00 ? 28 MET A CE  1 
ATOM 225 N N   . LEU A 1 29 ? 0.285   -2.275  5.151   1.00 0.00 ? 29 LEU A N   1 
ATOM 226 C CA  . LEU A 1 29 ? 1.148   -1.060  5.207   1.00 0.00 ? 29 LEU A CA  1 
ATOM 227 C C   . LEU A 1 29 ? 2.620   -1.468  5.313   1.00 0.00 ? 29 LEU A C   1 
ATOM 228 O O   . LEU A 1 29 ? 3.489   -0.836  4.744   1.00 0.00 ? 29 LEU A O   1 
ATOM 229 C CB  . LEU A 1 29 ? 0.700   -0.317  6.469   1.00 0.00 ? 29 LEU A CB  1 
ATOM 230 C CG  . LEU A 1 29 ? 0.847   1.193   6.254   1.00 0.00 ? 29 LEU A CG  1 
ATOM 231 C CD1 . LEU A 1 29 ? -0.214  1.681   5.269   1.00 0.00 ? 29 LEU A CD1 1 
ATOM 232 C CD2 . LEU A 1 29 ? 0.664   1.912   7.594   1.00 0.00 ? 29 LEU A CD2 1 
ATOM 233 N N   . GLU A 1 30 ? 2.901   -2.533  6.026   1.00 0.00 ? 30 GLU A N   1 
ATOM 234 C CA  . GLU A 1 30 ? 4.309   -3.006  6.159   1.00 0.00 ? 30 GLU A CA  1 
ATOM 235 C C   . GLU A 1 30 ? 4.862   -3.419  4.798   1.00 0.00 ? 30 GLU A C   1 
ATOM 236 O O   . GLU A 1 30 ? 5.948   -3.030  4.416   1.00 0.00 ? 30 GLU A O   1 
ATOM 237 C CB  . GLU A 1 30 ? 4.231   -4.220  7.087   1.00 0.00 ? 30 GLU A CB  1 
ATOM 238 C CG  . GLU A 1 30 ? 5.640   -4.682  7.463   1.00 0.00 ? 30 GLU A CG  1 
ATOM 239 C CD  . GLU A 1 30 ? 5.973   -5.975  6.718   1.00 0.00 ? 30 GLU A CD  1 
ATOM 240 O OE1 . GLU A 1 30 ? 5.645   -7.034  7.234   1.00 0.00 ? 30 GLU A OE1 1 
ATOM 241 O OE2 . GLU A 1 30 ? 6.545   -5.886  5.645   1.00 0.00 ? 30 GLU A OE2 1 
ATOM 242 N N   . LYS A 1 31 ? 4.114   -4.208  4.064   1.00 0.00 ? 31 LYS A N   1 
ATOM 243 C CA  . LYS A 1 31 ? 4.589   -4.659  2.722   1.00 0.00 ? 31 LYS A CA  1 
ATOM 244 C C   . LYS A 1 31 ? 4.840   -3.457  1.806   1.00 0.00 ? 31 LYS A C   1 
ATOM 245 O O   . LYS A 1 31 ? 5.843   -3.394  1.128   1.00 0.00 ? 31 LYS A O   1 
ATOM 246 C CB  . LYS A 1 31 ? 3.459   -5.527  2.161   1.00 0.00 ? 31 LYS A CB  1 
ATOM 247 C CG  . LYS A 1 31 ? 3.719   -6.991  2.518   1.00 0.00 ? 31 LYS A CG  1 
ATOM 248 C CD  . LYS A 1 31 ? 2.939   -7.353  3.785   1.00 0.00 ? 31 LYS A CD  1 
ATOM 249 C CE  . LYS A 1 31 ? 3.206   -8.815  4.148   1.00 0.00 ? 31 LYS A CE  1 
ATOM 250 N NZ  . LYS A 1 31 ? 3.606   -8.798  5.586   1.00 0.00 ? 31 LYS A NZ  1 
ATOM 251 N N   . LEU A 1 32 ? 3.944   -2.499  1.783   1.00 0.00 ? 32 LEU A N   1 
ATOM 252 C CA  . LEU A 1 32 ? 4.151   -1.307  0.904   1.00 0.00 ? 32 LEU A CA  1 
ATOM 253 C C   . LEU A 1 32 ? 5.392   -0.534  1.354   1.00 0.00 ? 32 LEU A C   1 
ATOM 254 O O   . LEU A 1 32 ? 6.168   -0.069  0.540   1.00 0.00 ? 32 LEU A O   1 
ATOM 255 C CB  . LEU A 1 32 ? 2.891   -0.449  1.052   1.00 0.00 ? 32 LEU A CB  1 
ATOM 256 C CG  . LEU A 1 32 ? 2.679   0.368   -0.224  1.00 0.00 ? 32 LEU A CG  1 
ATOM 257 C CD1 . LEU A 1 32 ? 2.139   -0.542  -1.331  1.00 0.00 ? 32 LEU A CD1 1 
ATOM 258 C CD2 . LEU A 1 32 ? 1.679   1.490   0.042   1.00 0.00 ? 32 LEU A CD2 1 
ATOM 259 N N   . GLU A 1 33 ? 5.597   -0.409  2.644   1.00 0.00 ? 33 GLU A N   1 
ATOM 260 C CA  . GLU A 1 33 ? 6.801   0.311   3.140   1.00 0.00 ? 33 GLU A CA  1 
ATOM 261 C C   . GLU A 1 33 ? 8.066   -0.431  2.692   1.00 0.00 ? 33 GLU A C   1 
ATOM 262 O O   . GLU A 1 33 ? 9.029   0.172   2.272   1.00 0.00 ? 33 GLU A O   1 
ATOM 263 C CB  . GLU A 1 33 ? 6.686   0.304   4.670   1.00 0.00 ? 33 GLU A CB  1 
ATOM 264 C CG  . GLU A 1 33 ? 6.258   1.693   5.160   1.00 0.00 ? 33 GLU A CG  1 
ATOM 265 C CD  . GLU A 1 33 ? 5.347   1.550   6.380   1.00 0.00 ? 33 GLU A CD  1 
ATOM 266 O OE1 . GLU A 1 33 ? 5.866   1.318   7.458   1.00 0.00 ? 33 GLU A OE1 1 
ATOM 267 O OE2 . GLU A 1 33 ? 4.145   1.668   6.212   1.00 0.00 ? 33 GLU A OE2 1 
ATOM 268 N N   . VAL A 1 34 ? 8.054   -1.738  2.772   1.00 0.00 ? 34 VAL A N   1 
ATOM 269 C CA  . VAL A 1 34 ? 9.240   -2.532  2.342   1.00 0.00 ? 34 VAL A CA  1 
ATOM 270 C C   . VAL A 1 34 ? 9.430   -2.403  0.822   1.00 0.00 ? 34 VAL A C   1 
ATOM 271 O O   . VAL A 1 34 ? 10.545  -2.334  0.339   1.00 0.00 ? 34 VAL A O   1 
ATOM 272 C CB  . VAL A 1 34 ? 8.916   -3.981  2.739   1.00 0.00 ? 34 VAL A CB  1 
ATOM 273 C CG1 . VAL A 1 34 ? 9.881   -4.946  2.043   1.00 0.00 ? 34 VAL A CG1 1 
ATOM 274 C CG2 . VAL A 1 34 ? 9.052   -4.136  4.252   1.00 0.00 ? 34 VAL A CG2 1 
ATOM 275 N N   . VAL A 1 35 ? 8.354   -2.365  0.074   1.00 0.00 ? 35 VAL A N   1 
ATOM 276 C CA  . VAL A 1 35 ? 8.470   -2.231  -1.412  1.00 0.00 ? 35 VAL A CA  1 
ATOM 277 C C   . VAL A 1 35 ? 9.080   -0.869  -1.767  1.00 0.00 ? 35 VAL A C   1 
ATOM 278 O O   . VAL A 1 35 ? 9.924   -0.770  -2.635  1.00 0.00 ? 35 VAL A O   1 
ATOM 279 C CB  . VAL A 1 35 ? 7.035   -2.335  -1.949  1.00 0.00 ? 35 VAL A CB  1 
ATOM 280 C CG1 . VAL A 1 35 ? 7.037   -2.185  -3.473  1.00 0.00 ? 35 VAL A CG1 1 
ATOM 281 C CG2 . VAL A 1 35 ? 6.443   -3.697  -1.574  1.00 0.00 ? 35 VAL A CG2 1 
ATOM 282 N N   . VAL A 1 36 ? 8.672   0.170   -1.083  1.00 0.00 ? 36 VAL A N   1 
ATOM 283 C CA  . VAL A 1 36 ? 9.243   1.524   -1.359  1.00 0.00 ? 36 VAL A CA  1 
ATOM 284 C C   . VAL A 1 36 ? 10.692  1.570   -0.861  1.00 0.00 ? 36 VAL A C   1 
ATOM 285 O O   . VAL A 1 36 ? 11.556  2.150   -1.489  1.00 0.00 ? 36 VAL A O   1 
ATOM 286 C CB  . VAL A 1 36 ? 8.352   2.501   -0.583  1.00 0.00 ? 36 VAL A CB  1 
ATOM 287 C CG1 . VAL A 1 36 ? 8.968   3.898   -0.620  1.00 0.00 ? 36 VAL A CG1 1 
ATOM 288 C CG2 . VAL A 1 36 ? 6.964   2.546   -1.225  1.00 0.00 ? 36 VAL A CG2 1 
ATOM 289 N N   . ASN A 1 37 ? 10.962  0.941   0.262   1.00 0.00 ? 37 ASN A N   1 
ATOM 290 C CA  . ASN A 1 37 ? 12.350  0.917   0.803   1.00 0.00 ? 37 ASN A CA  1 
ATOM 291 C C   . ASN A 1 37 ? 13.256  0.077   -0.107  1.00 0.00 ? 37 ASN A C   1 
ATOM 292 O O   . ASN A 1 37 ? 14.422  0.370   -0.275  1.00 0.00 ? 37 ASN A O   1 
ATOM 293 C CB  . ASN A 1 37 ? 12.240  0.277   2.189   1.00 0.00 ? 37 ASN A CB  1 
ATOM 294 C CG  . ASN A 1 37 ? 12.040  1.366   3.246   1.00 0.00 ? 37 ASN A CG  1 
ATOM 295 O OD1 . ASN A 1 37 ? 12.974  1.757   3.920   1.00 0.00 ? 37 ASN A OD1 1 
ATOM 296 N ND2 . ASN A 1 37 ? 10.849  1.875   3.424   1.00 0.00 ? 37 ASN A ND2 1 
ATOM 297 N N   . GLU A 1 38 ? 12.715  -0.958  -0.705  1.00 0.00 ? 38 GLU A N   1 
ATOM 298 C CA  . GLU A 1 38 ? 13.532  -1.806  -1.621  1.00 0.00 ? 38 GLU A CA  1 
ATOM 299 C C   . GLU A 1 38 ? 13.985  -0.963  -2.811  1.00 0.00 ? 38 GLU A C   1 
ATOM 300 O O   . GLU A 1 38 ? 15.120  -1.034  -3.240  1.00 0.00 ? 38 GLU A O   1 
ATOM 301 C CB  . GLU A 1 38 ? 12.602  -2.938  -2.074  1.00 0.00 ? 38 GLU A CB  1 
ATOM 302 C CG  . GLU A 1 38 ? 12.679  -4.098  -1.078  1.00 0.00 ? 38 GLU A CG  1 
ATOM 303 C CD  . GLU A 1 38 ? 12.987  -5.394  -1.829  1.00 0.00 ? 38 GLU A CD  1 
ATOM 304 O OE1 . GLU A 1 38 ? 12.049  -6.034  -2.283  1.00 0.00 ? 38 GLU A OE1 1 
ATOM 305 O OE2 . GLU A 1 38 ? 14.156  -5.731  -1.933  1.00 0.00 ? 38 GLU A OE2 1 
ATOM 306 N N   . ARG A 1 39 ? 13.100  -0.141  -3.326  1.00 0.00 ? 39 ARG A N   1 
ATOM 307 C CA  . ARG A 1 39 ? 13.478  0.733   -4.466  1.00 0.00 ? 39 ARG A CA  1 
ATOM 308 C C   . ARG A 1 39 ? 14.397  1.851   -3.965  1.00 0.00 ? 39 ARG A C   1 
ATOM 309 O O   . ARG A 1 39 ? 15.267  2.315   -4.675  1.00 0.00 ? 39 ARG A O   1 
ATOM 310 C CB  . ARG A 1 39 ? 12.159  1.300   -4.999  1.00 0.00 ? 39 ARG A CB  1 
ATOM 311 C CG  . ARG A 1 39 ? 11.495  0.269   -5.913  1.00 0.00 ? 39 ARG A CG  1 
ATOM 312 C CD  . ARG A 1 39 ? 12.411  -0.026  -7.110  1.00 0.00 ? 39 ARG A CD  1 
ATOM 313 N NE  . ARG A 1 39 ? 11.616  0.326   -8.325  1.00 0.00 ? 39 ARG A NE  1 
ATOM 314 C CZ  . ARG A 1 39 ? 12.069  0.047   -9.528  1.00 0.00 ? 39 ARG A CZ  1 
ATOM 315 N NH1 . ARG A 1 39 ? 13.098  -0.753  -9.684  1.00 0.00 ? 39 ARG A NH1 1 
ATOM 316 N NH2 . ARG A 1 39 ? 11.488  0.563   -10.576 1.00 0.00 ? 39 ARG A NH2 1 
ATOM 317 N N   . ARG A 1 40 ? 14.222  2.266   -2.725  1.00 0.00 ? 40 ARG A N   1 
ATOM 318 C CA  . ARG A 1 40 ? 15.105  3.331   -2.162  1.00 0.00 ? 40 ARG A CA  1 
ATOM 319 C C   . ARG A 1 40 ? 16.550  2.835   -2.138  1.00 0.00 ? 40 ARG A C   1 
ATOM 320 O O   . ARG A 1 40 ? 17.473  3.577   -2.422  1.00 0.00 ? 40 ARG A O   1 
ATOM 321 C CB  . ARG A 1 40 ? 14.599  3.567   -0.734  1.00 0.00 ? 40 ARG A CB  1 
ATOM 322 C CG  . ARG A 1 40 ? 13.471  4.593   -0.735  1.00 0.00 ? 40 ARG A CG  1 
ATOM 323 C CD  . ARG A 1 40 ? 12.899  4.716   0.683   1.00 0.00 ? 40 ARG A CD  1 
ATOM 324 N NE  . ARG A 1 40 ? 11.540  5.305   0.520   1.00 0.00 ? 40 ARG A NE  1 
ATOM 325 C CZ  . ARG A 1 40 ? 10.765  5.499   1.566   1.00 0.00 ? 40 ARG A CZ  1 
ATOM 326 N NH1 . ARG A 1 40 ? 11.072  4.987   2.730   1.00 0.00 ? 40 ARG A NH1 1 
ATOM 327 N NH2 . ARG A 1 40 ? 9.669   6.206   1.442   1.00 0.00 ? 40 ARG A NH2 1 
ATOM 328 N N   . GLU A 1 41 ? 16.749  1.576   -1.825  1.00 0.00 ? 41 GLU A N   1 
ATOM 329 C CA  . GLU A 1 41 ? 18.134  1.009   -1.802  1.00 0.00 ? 41 GLU A CA  1 
ATOM 330 C C   . GLU A 1 41 ? 18.732  1.072   -3.207  1.00 0.00 ? 41 GLU A C   1 
ATOM 331 O O   . GLU A 1 41 ? 19.892  1.387   -3.380  1.00 0.00 ? 41 GLU A O   1 
ATOM 332 C CB  . GLU A 1 41 ? 17.964  -0.445  -1.353  1.00 0.00 ? 41 GLU A CB  1 
ATOM 333 C CG  . GLU A 1 41 ? 19.303  -0.996  -0.854  1.00 0.00 ? 41 GLU A CG  1 
ATOM 334 C CD  . GLU A 1 41 ? 20.188  -1.379  -2.047  1.00 0.00 ? 41 GLU A CD  1 
ATOM 335 O OE1 . GLU A 1 41 ? 19.763  -2.201  -2.836  1.00 0.00 ? 41 GLU A OE1 1 
ATOM 336 O OE2 . GLU A 1 41 ? 21.277  -0.843  -2.143  1.00 0.00 ? 41 GLU A OE2 1 
ATOM 337 N N   . GLU A 1 42 ? 17.944  0.785   -4.214  1.00 0.00 ? 42 GLU A N   1 
ATOM 338 C CA  . GLU A 1 42 ? 18.460  0.840   -5.614  1.00 0.00 ? 42 GLU A CA  1 
ATOM 339 C C   . GLU A 1 42 ? 18.761  2.292   -6.001  1.00 0.00 ? 42 GLU A C   1 
ATOM 340 O O   . GLU A 1 42 ? 19.734  2.574   -6.676  1.00 0.00 ? 42 GLU A O   1 
ATOM 341 C CB  . GLU A 1 42 ? 17.334  0.267   -6.480  1.00 0.00 ? 42 GLU A CB  1 
ATOM 342 C CG  . GLU A 1 42 ? 17.815  0.103   -7.926  1.00 0.00 ? 42 GLU A CG  1 
ATOM 343 C CD  . GLU A 1 42 ? 18.951  -0.922  -7.979  1.00 0.00 ? 42 GLU A CD  1 
ATOM 344 O OE1 . GLU A 1 42 ? 18.656  -2.107  -7.968  1.00 0.00 ? 42 GLU A OE1 1 
ATOM 345 O OE2 . GLU A 1 42 ? 20.098  -0.510  -8.035  1.00 0.00 ? 42 GLU A OE2 1 
ATOM 346 N N   . GLU A 1 43 ? 17.940  3.214   -5.568  1.00 0.00 ? 43 GLU A N   1 
ATOM 347 C CA  . GLU A 1 43 ? 18.168  4.655   -5.893  1.00 0.00 ? 43 GLU A CA  1 
ATOM 348 C C   . GLU A 1 43 ? 19.409  5.166   -5.153  1.00 0.00 ? 43 GLU A C   1 
ATOM 349 O O   . GLU A 1 43 ? 20.183  5.933   -5.686  1.00 0.00 ? 43 GLU A O   1 
ATOM 350 C CB  . GLU A 1 43 ? 16.913  5.385   -5.408  1.00 0.00 ? 43 GLU A CB  1 
ATOM 351 C CG  . GLU A 1 43 ? 15.722  5.021   -6.304  1.00 0.00 ? 43 GLU A CG  1 
ATOM 352 C CD  . GLU A 1 43 ? 15.664  5.976   -7.498  1.00 0.00 ? 43 GLU A CD  1 
ATOM 353 O OE1 . GLU A 1 43 ? 16.314  5.693   -8.492  1.00 0.00 ? 43 GLU A OE1 1 
ATOM 354 O OE2 . GLU A 1 43 ? 14.970  6.974   -7.398  1.00 0.00 ? 43 GLU A OE2 1 
ATOM 355 N N   . SER A 1 44 ? 19.602  4.730   -3.930  1.00 0.00 ? 44 SER A N   1 
ATOM 356 C CA  . SER A 1 44 ? 20.800  5.174   -3.151  1.00 0.00 ? 44 SER A CA  1 
ATOM 357 C C   . SER A 1 44 ? 22.064  4.510   -3.703  1.00 0.00 ? 44 SER A C   1 
ATOM 358 O O   . SER A 1 44 ? 23.140  5.086   -3.670  1.00 0.00 ? 44 SER A O   1 
ATOM 359 C CB  . SER A 1 44 ? 20.539  4.721   -1.715  1.00 0.00 ? 44 SER A CB  1 
ATOM 360 O OG  . SER A 1 44 ? 21.189  5.606   -0.813  1.00 0.00 ? 44 SER A OG  1 
ATOM 361 N N   . ALA A 1 45 ? 21.945  3.309   -4.212  1.00 0.00 ? 45 ALA A N   1 
ATOM 362 C CA  . ALA A 1 45 ? 23.135  2.601   -4.776  1.00 0.00 ? 45 ALA A CA  1 
ATOM 363 C C   . ALA A 1 45 ? 23.556  3.246   -6.104  1.00 0.00 ? 45 ALA A C   1 
ATOM 364 O O   . ALA A 1 45 ? 24.730  3.362   -6.402  1.00 0.00 ? 45 ALA A O   1 
ATOM 365 C CB  . ALA A 1 45 ? 22.677  1.159   -5.000  1.00 0.00 ? 45 ALA A CB  1 
ATOM 366 N N   . ALA A 1 46 ? 22.604  3.674   -6.900  1.00 0.00 ? 46 ALA A N   1 
ATOM 367 C CA  . ALA A 1 46 ? 22.941  4.316   -8.205  1.00 0.00 ? 46 ALA A CA  1 
ATOM 368 C C   . ALA A 1 46 ? 23.431  5.752   -7.984  1.00 0.00 ? 46 ALA A C   1 
ATOM 369 O O   . ALA A 1 46 ? 22.774  6.482   -7.255  1.00 0.00 ? 46 ALA A O   1 
ATOM 370 C CB  . ALA A 1 46 ? 21.637  4.309   -9.004  1.00 0.00 ? 46 ALA A CB  1 
ATOM 371 O OXT . ALA A 1 46 ? 24.457  6.098   -8.546  1.00 0.00 ? 46 ALA A OXT 1 
ATOM 372 N N   . SER B 1 1  ? -11.979 -6.786  -2.775  1.00 0.00 ? 1  SER B N   1 
ATOM 373 C CA  . SER B 1 1  ? -10.663 -6.568  -2.103  1.00 0.00 ? 1  SER B CA  1 
ATOM 374 C C   . SER B 1 1  ? -9.545  -7.301  -2.868  1.00 0.00 ? 1  SER B C   1 
ATOM 375 O O   . SER B 1 1  ? -8.815  -8.096  -2.307  1.00 0.00 ? 1  SER B O   1 
ATOM 376 C CB  . SER B 1 1  ? -10.828 -7.143  -0.692  1.00 0.00 ? 1  SER B CB  1 
ATOM 377 O OG  . SER B 1 1  ? -11.210 -8.512  -0.774  1.00 0.00 ? 1  SER B OG  1 
ATOM 378 N N   . GLU B 1 2  ? -9.412  -7.024  -4.143  1.00 0.00 ? 2  GLU B N   1 
ATOM 379 C CA  . GLU B 1 2  ? -8.343  -7.695  -4.949  1.00 0.00 ? 2  GLU B CA  1 
ATOM 380 C C   . GLU B 1 2  ? -7.017  -6.930  -4.840  1.00 0.00 ? 2  GLU B C   1 
ATOM 381 O O   . GLU B 1 2  ? -5.953  -7.508  -4.967  1.00 0.00 ? 2  GLU B O   1 
ATOM 382 C CB  . GLU B 1 2  ? -8.862  -7.715  -6.396  1.00 0.00 ? 2  GLU B CB  1 
ATOM 383 C CG  . GLU B 1 2  ? -9.084  -6.284  -6.913  1.00 0.00 ? 2  GLU B CG  1 
ATOM 384 C CD  . GLU B 1 2  ? -10.585 -6.019  -7.060  1.00 0.00 ? 2  GLU B CD  1 
ATOM 385 O OE1 . GLU B 1 2  ? -11.129 -6.352  -8.097  1.00 0.00 ? 2  GLU B OE1 1 
ATOM 386 O OE2 . GLU B 1 2  ? -11.164 -5.480  -6.128  1.00 0.00 ? 2  GLU B OE2 1 
ATOM 387 N N   . ALA B 1 3  ? -7.067  -5.645  -4.594  1.00 0.00 ? 3  ALA B N   1 
ATOM 388 C CA  . ALA B 1 3  ? -5.806  -4.858  -4.460  1.00 0.00 ? 3  ALA B CA  1 
ATOM 389 C C   . ALA B 1 3  ? -5.272  -4.965  -3.030  1.00 0.00 ? 3  ALA B C   1 
ATOM 390 O O   . ALA B 1 3  ? -4.080  -4.881  -2.791  1.00 0.00 ? 3  ALA B O   1 
ATOM 391 C CB  . ALA B 1 3  ? -6.192  -3.414  -4.789  1.00 0.00 ? 3  ALA B CB  1 
ATOM 392 N N   . LEU B 1 4  ? -6.151  -5.164  -2.073  1.00 0.00 ? 4  LEU B N   1 
ATOM 393 C CA  . LEU B 1 4  ? -5.707  -5.287  -0.654  1.00 0.00 ? 4  LEU B CA  1 
ATOM 394 C C   . LEU B 1 4  ? -5.070  -6.663  -0.422  1.00 0.00 ? 4  LEU B C   1 
ATOM 395 O O   . LEU B 1 4  ? -4.090  -6.782  0.289   1.00 0.00 ? 4  LEU B O   1 
ATOM 396 C CB  . LEU B 1 4  ? -6.982  -5.140  0.185   1.00 0.00 ? 4  LEU B CB  1 
ATOM 397 C CG  . LEU B 1 4  ? -7.055  -3.729  0.771   1.00 0.00 ? 4  LEU B CG  1 
ATOM 398 C CD1 . LEU B 1 4  ? -7.617  -2.757  -0.270  1.00 0.00 ? 4  LEU B CD1 1 
ATOM 399 C CD2 . LEU B 1 4  ? -7.966  -3.735  1.999   1.00 0.00 ? 4  LEU B CD2 1 
ATOM 400 N N   . LYS B 1 5  ? -5.609  -7.701  -1.024  1.00 0.00 ? 5  LYS B N   1 
ATOM 401 C CA  . LYS B 1 5  ? -5.018  -9.062  -0.837  1.00 0.00 ? 5  LYS B CA  1 
ATOM 402 C C   . LYS B 1 5  ? -3.664  -9.159  -1.558  1.00 0.00 ? 5  LYS B C   1 
ATOM 403 O O   . LYS B 1 5  ? -2.789  -9.890  -1.139  1.00 0.00 ? 5  LYS B O   1 
ATOM 404 C CB  . LYS B 1 5  ? -6.041  -10.046 -1.431  1.00 0.00 ? 5  LYS B CB  1 
ATOM 405 C CG  . LYS B 1 5  ? -6.152  -9.864  -2.947  1.00 0.00 ? 5  LYS B CG  1 
ATOM 406 C CD  . LYS B 1 5  ? -7.208  -10.821 -3.505  1.00 0.00 ? 5  LYS B CD  1 
ATOM 407 C CE  . LYS B 1 5  ? -6.570  -12.187 -3.791  1.00 0.00 ? 5  LYS B CE  1 
ATOM 408 N NZ  . LYS B 1 5  ? -6.173  -12.139 -5.229  1.00 0.00 ? 5  LYS B NZ  1 
ATOM 409 N N   . ILE B 1 6  ? -3.483  -8.417  -2.628  1.00 0.00 ? 6  ILE B N   1 
ATOM 410 C CA  . ILE B 1 6  ? -2.182  -8.451  -3.362  1.00 0.00 ? 6  ILE B CA  1 
ATOM 411 C C   . ILE B 1 6  ? -1.087  -7.808  -2.505  1.00 0.00 ? 6  ILE B C   1 
ATOM 412 O O   . ILE B 1 6  ? 0.048   -8.237  -2.511  1.00 0.00 ? 6  ILE B O   1 
ATOM 413 C CB  . ILE B 1 6  ? -2.427  -7.646  -4.646  1.00 0.00 ? 6  ILE B CB  1 
ATOM 414 C CG1 . ILE B 1 6  ? -3.010  -8.571  -5.723  1.00 0.00 ? 6  ILE B CG1 1 
ATOM 415 C CG2 . ILE B 1 6  ? -1.114  -7.027  -5.147  1.00 0.00 ? 6  ILE B CG2 1 
ATOM 416 C CD1 . ILE B 1 6  ? -1.909  -9.473  -6.306  1.00 0.00 ? 6  ILE B CD1 1 
ATOM 417 N N   . LEU B 1 7  ? -1.430  -6.776  -1.765  1.00 0.00 ? 7  LEU B N   1 
ATOM 418 C CA  . LEU B 1 7  ? -0.419  -6.092  -0.898  1.00 0.00 ? 7  LEU B CA  1 
ATOM 419 C C   . LEU B 1 7  ? 0.179   -7.080  0.119   1.00 0.00 ? 7  LEU B C   1 
ATOM 420 O O   . LEU B 1 7  ? 1.275   -6.881  0.605   1.00 0.00 ? 7  LEU B O   1 
ATOM 421 C CB  . LEU B 1 7  ? -1.193  -4.984  -0.172  1.00 0.00 ? 7  LEU B CB  1 
ATOM 422 C CG  . LEU B 1 7  ? -1.424  -3.806  -1.122  1.00 0.00 ? 7  LEU B CG  1 
ATOM 423 C CD1 . LEU B 1 7  ? -2.513  -2.898  -0.554  1.00 0.00 ? 7  LEU B CD1 1 
ATOM 424 C CD2 . LEU B 1 7  ? -0.122  -3.015  -1.275  1.00 0.00 ? 7  LEU B CD2 1 
ATOM 425 N N   . ASN B 1 8  ? -0.531  -8.141  0.440   1.00 0.00 ? 8  ASN B N   1 
ATOM 426 C CA  . ASN B 1 8  ? -0.005  -9.138  1.418   1.00 0.00 ? 8  ASN B CA  1 
ATOM 427 C C   . ASN B 1 8  ? 1.172   -9.918  0.815   1.00 0.00 ? 8  ASN B C   1 
ATOM 428 O O   . ASN B 1 8  ? 2.076   -10.328 1.520   1.00 0.00 ? 8  ASN B O   1 
ATOM 429 C CB  . ASN B 1 8  ? -1.185  -10.067 1.708   1.00 0.00 ? 8  ASN B CB  1 
ATOM 430 C CG  . ASN B 1 8  ? -2.277  -9.291  2.451   1.00 0.00 ? 8  ASN B CG  1 
ATOM 431 O OD1 . ASN B 1 8  ? -3.305  -8.983  1.888   1.00 0.00 ? 8  ASN B OD1 1 
ATOM 432 N ND2 . ASN B 1 8  ? -2.093  -8.962  3.701   1.00 0.00 ? 8  ASN B ND2 1 
ATOM 433 N N   . ASN B 1 9  ? 1.175   -10.107 -0.482  1.00 0.00 ? 9  ASN B N   1 
ATOM 434 C CA  . ASN B 1 9  ? 2.306   -10.841 -1.127  1.00 0.00 ? 9  ASN B CA  1 
ATOM 435 C C   . ASN B 1 9  ? 3.311   -9.822  -1.665  1.00 0.00 ? 9  ASN B C   1 
ATOM 436 O O   . ASN B 1 9  ? 3.169   -9.308  -2.762  1.00 0.00 ? 9  ASN B O   1 
ATOM 437 C CB  . ASN B 1 9  ? 1.680   -11.671 -2.261  1.00 0.00 ? 9  ASN B CB  1 
ATOM 438 C CG  . ASN B 1 9  ? 0.373   -12.323 -1.784  1.00 0.00 ? 9  ASN B CG  1 
ATOM 439 O OD1 . ASN B 1 9  ? -0.700  -11.863 -2.114  1.00 0.00 ? 9  ASN B OD1 1 
ATOM 440 N ND2 . ASN B 1 9  ? 0.425   -13.378 -1.014  1.00 0.00 ? 9  ASN B ND2 1 
ATOM 441 N N   . ILE B 1 10 ? 4.314   -9.503  -0.885  1.00 0.00 ? 10 ILE B N   1 
ATOM 442 C CA  . ILE B 1 10 ? 5.329   -8.489  -1.311  1.00 0.00 ? 10 ILE B CA  1 
ATOM 443 C C   . ILE B 1 10 ? 6.053   -8.915  -2.595  1.00 0.00 ? 10 ILE B C   1 
ATOM 444 O O   . ILE B 1 10 ? 6.361   -8.093  -3.428  1.00 0.00 ? 10 ILE B O   1 
ATOM 445 C CB  . ILE B 1 10 ? 6.305   -8.366  -0.130  1.00 0.00 ? 10 ILE B CB  1 
ATOM 446 C CG1 . ILE B 1 10 ? 7.261   -7.199  -0.377  1.00 0.00 ? 10 ILE B CG1 1 
ATOM 447 C CG2 . ILE B 1 10 ? 7.109   -9.660  0.034   1.00 0.00 ? 10 ILE B CG2 1 
ATOM 448 C CD1 . ILE B 1 10 ? 7.055   -6.133  0.696   1.00 0.00 ? 10 ILE B CD1 1 
ATOM 449 N N   . ARG B 1 11 ? 6.327   -10.190 -2.763  1.00 0.00 ? 11 ARG B N   1 
ATOM 450 C CA  . ARG B 1 11 ? 7.026   -10.648 -4.008  1.00 0.00 ? 11 ARG B CA  1 
ATOM 451 C C   . ARG B 1 11 ? 6.236   -10.204 -5.246  1.00 0.00 ? 11 ARG B C   1 
ATOM 452 O O   . ARG B 1 11 ? 6.798   -9.770  -6.232  1.00 0.00 ? 11 ARG B O   1 
ATOM 453 C CB  . ARG B 1 11 ? 7.060   -12.178 -3.916  1.00 0.00 ? 11 ARG B CB  1 
ATOM 454 C CG  . ARG B 1 11 ? 7.840   -12.608 -2.671  1.00 0.00 ? 11 ARG B CG  1 
ATOM 455 C CD  . ARG B 1 11 ? 7.247   -13.909 -2.124  1.00 0.00 ? 11 ARG B CD  1 
ATOM 456 N NE  . ARG B 1 11 ? 8.201   -14.351 -1.063  1.00 0.00 ? 11 ARG B NE  1 
ATOM 457 C CZ  . ARG B 1 11 ? 8.025   -13.993 0.194   1.00 0.00 ? 11 ARG B CZ  1 
ATOM 458 N NH1 . ARG B 1 11 ? 7.159   -13.063 0.512   1.00 0.00 ? 11 ARG B NH1 1 
ATOM 459 N NH2 . ARG B 1 11 ? 8.735   -14.572 1.134   1.00 0.00 ? 11 ARG B NH2 1 
ATOM 460 N N   . THR B 1 12 ? 4.926   -10.291 -5.186  1.00 0.00 ? 12 THR B N   1 
ATOM 461 C CA  . THR B 1 12 ? 4.085   -9.860  -6.342  1.00 0.00 ? 12 THR B CA  1 
ATOM 462 C C   . THR B 1 12 ? 4.226   -8.346  -6.536  1.00 0.00 ? 12 THR B C   1 
ATOM 463 O O   . THR B 1 12 ? 4.496   -7.885  -7.628  1.00 0.00 ? 12 THR B O   1 
ATOM 464 C CB  . THR B 1 12 ? 2.645   -10.235 -5.959  1.00 0.00 ? 12 THR B CB  1 
ATOM 465 O OG1 . THR B 1 12 ? 2.486   -11.644 -6.059  1.00 0.00 ? 12 THR B OG1 1 
ATOM 466 C CG2 . THR B 1 12 ? 1.650   -9.540  -6.892  1.00 0.00 ? 12 THR B CG2 1 
ATOM 467 N N   . LEU B 1 13 ? 4.069   -7.574  -5.483  1.00 0.00 ? 13 LEU B N   1 
ATOM 468 C CA  . LEU B 1 13 ? 4.222   -6.096  -5.609  1.00 0.00 ? 13 LEU B CA  1 
ATOM 469 C C   . LEU B 1 13 ? 5.665   -5.772  -6.024  1.00 0.00 ? 13 LEU B C   1 
ATOM 470 O O   . LEU B 1 13 ? 5.915   -4.813  -6.730  1.00 0.00 ? 13 LEU B O   1 
ATOM 471 C CB  . LEU B 1 13 ? 3.914   -5.542  -4.216  1.00 0.00 ? 13 LEU B CB  1 
ATOM 472 C CG  . LEU B 1 13 ? 3.232   -4.183  -4.357  1.00 0.00 ? 13 LEU B CG  1 
ATOM 473 C CD1 . LEU B 1 13 ? 1.727   -4.380  -4.559  1.00 0.00 ? 13 LEU B CD1 1 
ATOM 474 C CD2 . LEU B 1 13 ? 3.465   -3.353  -3.090  1.00 0.00 ? 13 LEU B CD2 1 
ATOM 475 N N   . ARG B 1 14 ? 6.600   -6.587  -5.598  1.00 0.00 ? 14 ARG B N   1 
ATOM 476 C CA  . ARG B 1 14 ? 8.036   -6.379  -5.961  1.00 0.00 ? 14 ARG B CA  1 
ATOM 477 C C   . ARG B 1 14 ? 8.194   -6.355  -7.487  1.00 0.00 ? 14 ARG B C   1 
ATOM 478 O O   . ARG B 1 14 ? 8.854   -5.491  -8.032  1.00 0.00 ? 14 ARG B O   1 
ATOM 479 C CB  . ARG B 1 14 ? 8.762   -7.589  -5.362  1.00 0.00 ? 14 ARG B CB  1 
ATOM 480 C CG  . ARG B 1 14 ? 10.270  -7.348  -5.365  1.00 0.00 ? 14 ARG B CG  1 
ATOM 481 C CD  . ARG B 1 14 ? 11.000  -8.671  -5.118  1.00 0.00 ? 14 ARG B CD  1 
ATOM 482 N NE  . ARG B 1 14 ? 12.214  -8.304  -4.324  1.00 0.00 ? 14 ARG B NE  1 
ATOM 483 C CZ  . ARG B 1 14 ? 13.303  -9.032  -4.396  1.00 0.00 ? 14 ARG B CZ  1 
ATOM 484 N NH1 . ARG B 1 14 ? 13.285  -10.211 -4.961  1.00 0.00 ? 14 ARG B NH1 1 
ATOM 485 N NH2 . ARG B 1 14 ? 14.415  -8.574  -3.876  1.00 0.00 ? 14 ARG B NH2 1 
ATOM 486 N N   . ALA B 1 15 ? 7.587   -7.297  -8.174  1.00 0.00 ? 15 ALA B N   1 
ATOM 487 C CA  . ALA B 1 15 ? 7.689   -7.326  -9.667  1.00 0.00 ? 15 ALA B CA  1 
ATOM 488 C C   . ALA B 1 15 ? 6.974   -6.109  -10.266 1.00 0.00 ? 15 ALA B C   1 
ATOM 489 O O   . ALA B 1 15 ? 7.402   -5.555  -11.258 1.00 0.00 ? 15 ALA B O   1 
ATOM 490 C CB  . ALA B 1 15 ? 6.989   -8.617  -10.095 1.00 0.00 ? 15 ALA B CB  1 
ATOM 491 N N   . GLN B 1 16 ? 5.882   -5.698  -9.664  1.00 0.00 ? 16 GLN B N   1 
ATOM 492 C CA  . GLN B 1 16 ? 5.126   -4.521  -10.191 1.00 0.00 ? 16 GLN B CA  1 
ATOM 493 C C   . GLN B 1 16 ? 5.913   -3.224  -9.944  1.00 0.00 ? 16 GLN B C   1 
ATOM 494 O O   . GLN B 1 16 ? 5.868   -2.308  -10.744 1.00 0.00 ? 16 GLN B O   1 
ATOM 495 C CB  . GLN B 1 16 ? 3.802   -4.493  -9.416  1.00 0.00 ? 16 GLN B CB  1 
ATOM 496 C CG  . GLN B 1 16 ? 3.118   -5.867  -9.471  1.00 0.00 ? 16 GLN B CG  1 
ATOM 497 C CD  . GLN B 1 16 ? 2.521   -6.118  -10.857 1.00 0.00 ? 16 GLN B CD  1 
ATOM 498 O OE1 . GLN B 1 16 ? 2.823   -5.418  -11.808 1.00 0.00 ? 16 GLN B OE1 1 
ATOM 499 N NE2 . GLN B 1 16 ? 1.675   -7.100  -11.021 1.00 0.00 ? 16 GLN B NE2 1 
ATOM 500 N N   . ALA B 1 17 ? 6.626   -3.138  -8.843  1.00 0.00 ? 17 ALA B N   1 
ATOM 501 C CA  . ALA B 1 17 ? 7.408   -1.896  -8.548  1.00 0.00 ? 17 ALA B CA  1 
ATOM 502 C C   . ALA B 1 17 ? 8.572   -1.734  -9.534  1.00 0.00 ? 17 ALA B C   1 
ATOM 503 O O   . ALA B 1 17 ? 8.981   -0.630  -9.830  1.00 0.00 ? 17 ALA B O   1 
ATOM 504 C CB  . ALA B 1 17 ? 7.947   -2.082  -7.131  1.00 0.00 ? 17 ALA B CB  1 
ATOM 505 N N   . ARG B 1 18 ? 9.102   -2.821  -10.036 1.00 0.00 ? 18 ARG B N   1 
ATOM 506 C CA  . ARG B 1 18 ? 10.233  -2.737  -11.003 1.00 0.00 ? 18 ARG B CA  1 
ATOM 507 C C   . ARG B 1 18 ? 9.807   -2.006  -12.286 1.00 0.00 ? 18 ARG B C   1 
ATOM 508 O O   . ARG B 1 18 ? 10.641  -1.522  -13.030 1.00 0.00 ? 18 ARG B O   1 
ATOM 509 C CB  . ARG B 1 18 ? 10.607  -4.191  -11.310 1.00 0.00 ? 18 ARG B CB  1 
ATOM 510 C CG  . ARG B 1 18 ? 11.577  -4.706  -10.241 1.00 0.00 ? 18 ARG B CG  1 
ATOM 511 C CD  . ARG B 1 18 ? 11.625  -6.238  -10.279 1.00 0.00 ? 18 ARG B CD  1 
ATOM 512 N NE  . ARG B 1 18 ? 13.003  -6.572  -10.746 1.00 0.00 ? 18 ARG B NE  1 
ATOM 513 C CZ  . ARG B 1 18 ? 13.313  -6.555  -12.024 1.00 0.00 ? 18 ARG B CZ  1 
ATOM 514 N NH1 . ARG B 1 18 ? 12.382  -6.475  -12.945 1.00 0.00 ? 18 ARG B NH1 1 
ATOM 515 N NH2 . ARG B 1 18 ? 14.568  -6.629  -12.380 1.00 0.00 ? 18 ARG B NH2 1 
ATOM 516 N N   . GLU B 1 19 ? 8.525   -1.922  -12.554 1.00 0.00 ? 19 GLU B N   1 
ATOM 517 C CA  . GLU B 1 19 ? 8.059   -1.230  -13.790 1.00 0.00 ? 19 GLU B CA  1 
ATOM 518 C C   . GLU B 1 19 ? 7.538   0.192   -13.488 1.00 0.00 ? 19 GLU B C   1 
ATOM 519 O O   . GLU B 1 19 ? 6.905   0.807   -14.326 1.00 0.00 ? 19 GLU B O   1 
ATOM 520 C CB  . GLU B 1 19 ? 6.934   -2.107  -14.334 1.00 0.00 ? 19 GLU B CB  1 
ATOM 521 C CG  . GLU B 1 19 ? 6.843   -1.947  -15.853 1.00 0.00 ? 19 GLU B CG  1 
ATOM 522 C CD  . GLU B 1 19 ? 7.168   -3.278  -16.533 1.00 0.00 ? 19 GLU B CD  1 
ATOM 523 O OE1 . GLU B 1 19 ? 8.341   -3.535  -16.767 1.00 0.00 ? 19 GLU B OE1 1 
ATOM 524 O OE2 . GLU B 1 19 ? 6.242   -4.026  -16.807 1.00 0.00 ? 19 GLU B OE2 1 
ATOM 525 N N   . CYS B 1 20 ? 7.801   0.718   -12.311 1.00 0.00 ? 20 CYS B N   1 
ATOM 526 C CA  . CYS B 1 20 ? 7.317   2.101   -11.990 1.00 0.00 ? 20 CYS B CA  1 
ATOM 527 C C   . CYS B 1 20 ? 8.446   2.940   -11.378 1.00 0.00 ? 20 CYS B C   1 
ATOM 528 O O   . CYS B 1 20 ? 9.419   2.419   -10.874 1.00 0.00 ? 20 CYS B O   1 
ATOM 529 C CB  . CYS B 1 20 ? 6.187   1.932   -10.972 1.00 0.00 ? 20 CYS B CB  1 
ATOM 530 S SG  . CYS B 1 20 ? 5.178   0.487   -11.386 1.00 0.00 ? 20 CYS B SG  1 
ATOM 531 N N   . THR B 1 21 ? 8.303   4.242   -11.424 1.00 0.00 ? 21 THR B N   1 
ATOM 532 C CA  . THR B 1 21 ? 9.357   5.139   -10.846 1.00 0.00 ? 21 THR B CA  1 
ATOM 533 C C   . THR B 1 21 ? 9.164   5.301   -9.332  1.00 0.00 ? 21 THR B C   1 
ATOM 534 O O   . THR B 1 21 ? 8.126   4.977   -8.786  1.00 0.00 ? 21 THR B O   1 
ATOM 535 C CB  . THR B 1 21 ? 9.175   6.490   -11.558 1.00 0.00 ? 21 THR B CB  1 
ATOM 536 O OG1 . THR B 1 21 ? 7.795   6.834   -11.589 1.00 0.00 ? 21 THR B OG1 1 
ATOM 537 C CG2 . THR B 1 21 ? 9.715   6.394   -12.985 1.00 0.00 ? 21 THR B CG2 1 
ATOM 538 N N   . LEU B 1 22 ? 10.170  5.797   -8.653  1.00 0.00 ? 22 LEU B N   1 
ATOM 539 C CA  . LEU B 1 22 ? 10.078  5.985   -7.168  1.00 0.00 ? 22 LEU B CA  1 
ATOM 540 C C   . LEU B 1 22 ? 9.000   7.024   -6.812  1.00 0.00 ? 22 LEU B C   1 
ATOM 541 O O   . LEU B 1 22 ? 8.312   6.887   -5.820  1.00 0.00 ? 22 LEU B O   1 
ATOM 542 C CB  . LEU B 1 22 ? 11.461  6.487   -6.737  1.00 0.00 ? 22 LEU B CB  1 
ATOM 543 C CG  . LEU B 1 22 ? 11.675  6.193   -5.250  1.00 0.00 ? 22 LEU B CG  1 
ATOM 544 C CD1 . LEU B 1 22 ? 12.020  4.717   -5.057  1.00 0.00 ? 22 LEU B CD1 1 
ATOM 545 C CD2 . LEU B 1 22 ? 12.823  7.060   -4.722  1.00 0.00 ? 22 LEU B CD2 1 
ATOM 546 N N   . GLU B 1 23 ? 8.858   8.059   -7.607  1.00 0.00 ? 23 GLU B N   1 
ATOM 547 C CA  . GLU B 1 23 ? 7.826   9.104   -7.306  1.00 0.00 ? 23 GLU B CA  1 
ATOM 548 C C   . GLU B 1 23 ? 6.422   8.482   -7.242  1.00 0.00 ? 23 GLU B C   1 
ATOM 549 O O   . GLU B 1 23 ? 5.633   8.815   -6.382  1.00 0.00 ? 23 GLU B O   1 
ATOM 550 C CB  . GLU B 1 23 ? 7.931   10.129  -8.447  1.00 0.00 ? 23 GLU B CB  1 
ATOM 551 C CG  . GLU B 1 23 ? 7.500   9.500   -9.777  1.00 0.00 ? 23 GLU B CG  1 
ATOM 552 C CD  . GLU B 1 23 ? 8.003   10.359  -10.940 1.00 0.00 ? 23 GLU B CD  1 
ATOM 553 O OE1 . GLU B 1 23 ? 7.355   11.346  -11.251 1.00 0.00 ? 23 GLU B OE1 1 
ATOM 554 O OE2 . GLU B 1 23 ? 9.029   10.011  -11.506 1.00 0.00 ? 23 GLU B OE2 1 
ATOM 555 N N   . THR B 1 24 ? 6.121   7.569   -8.131  1.00 0.00 ? 24 THR B N   1 
ATOM 556 C CA  . THR B 1 24 ? 4.780   6.907   -8.105  1.00 0.00 ? 24 THR B CA  1 
ATOM 557 C C   . THR B 1 24 ? 4.690   6.015   -6.862  1.00 0.00 ? 24 THR B C   1 
ATOM 558 O O   . THR B 1 24 ? 3.635   5.870   -6.268  1.00 0.00 ? 24 THR B O   1 
ATOM 559 C CB  . THR B 1 24 ? 4.711   6.065   -9.386  1.00 0.00 ? 24 THR B CB  1 
ATOM 560 O OG1 . THR B 1 24 ? 4.983   6.890   -10.512 1.00 0.00 ? 24 THR B OG1 1 
ATOM 561 C CG2 . THR B 1 24 ? 3.311   5.456   -9.530  1.00 0.00 ? 24 THR B CG2 1 
ATOM 562 N N   . LEU B 1 25 ? 5.796   5.436   -6.457  1.00 0.00 ? 25 LEU B N   1 
ATOM 563 C CA  . LEU B 1 25 ? 5.802   4.568   -5.240  1.00 0.00 ? 25 LEU B CA  1 
ATOM 564 C C   . LEU B 1 25 ? 5.574   5.421   -3.988  1.00 0.00 ? 25 LEU B C   1 
ATOM 565 O O   . LEU B 1 25 ? 4.968   4.974   -3.029  1.00 0.00 ? 25 LEU B O   1 
ATOM 566 C CB  . LEU B 1 25 ? 7.195   3.926   -5.204  1.00 0.00 ? 25 LEU B CB  1 
ATOM 567 C CG  . LEU B 1 25 ? 7.308   2.875   -6.315  1.00 0.00 ? 25 LEU B CG  1 
ATOM 568 C CD1 . LEU B 1 25 ? 8.782   2.524   -6.540  1.00 0.00 ? 25 LEU B CD1 1 
ATOM 569 C CD2 . LEU B 1 25 ? 6.538   1.616   -5.914  1.00 0.00 ? 25 LEU B CD2 1 
ATOM 570 N N   . GLU B 1 26 ? 6.036   6.650   -3.992  1.00 0.00 ? 26 GLU B N   1 
ATOM 571 C CA  . GLU B 1 26 ? 5.828   7.538   -2.805  1.00 0.00 ? 26 GLU B CA  1 
ATOM 572 C C   . GLU B 1 26 ? 4.341   7.873   -2.668  1.00 0.00 ? 26 GLU B C   1 
ATOM 573 O O   . GLU B 1 26 ? 3.782   7.833   -1.589  1.00 0.00 ? 26 GLU B O   1 
ATOM 574 C CB  . GLU B 1 26 ? 6.644   8.809   -3.085  1.00 0.00 ? 26 GLU B CB  1 
ATOM 575 C CG  . GLU B 1 26 ? 8.130   8.458   -3.247  1.00 0.00 ? 26 GLU B CG  1 
ATOM 576 C CD  . GLU B 1 26 ? 8.664   7.831   -1.955  1.00 0.00 ? 26 GLU B CD  1 
ATOM 577 O OE1 . GLU B 1 26 ? 7.909   7.761   -0.997  1.00 0.00 ? 26 GLU B OE1 1 
ATOM 578 O OE2 . GLU B 1 26 ? 9.816   7.435   -1.948  1.00 0.00 ? 26 GLU B OE2 1 
ATOM 579 N N   . GLU B 1 27 ? 3.692   8.190   -3.766  1.00 0.00 ? 27 GLU B N   1 
ATOM 580 C CA  . GLU B 1 27 ? 2.232   8.514   -3.716  1.00 0.00 ? 27 GLU B CA  1 
ATOM 581 C C   . GLU B 1 27 ? 1.454   7.281   -3.251  1.00 0.00 ? 27 GLU B C   1 
ATOM 582 O O   . GLU B 1 27 ? 0.544   7.377   -2.449  1.00 0.00 ? 27 GLU B O   1 
ATOM 583 C CB  . GLU B 1 27 ? 1.834   8.870   -5.153  1.00 0.00 ? 27 GLU B CB  1 
ATOM 584 C CG  . GLU B 1 27 ? 2.686   10.039  -5.659  1.00 0.00 ? 27 GLU B CG  1 
ATOM 585 C CD  . GLU B 1 27 ? 1.773   11.154  -6.178  1.00 0.00 ? 27 GLU B CD  1 
ATOM 586 O OE1 . GLU B 1 27 ? 1.349   11.969  -5.372  1.00 0.00 ? 27 GLU B OE1 1 
ATOM 587 O OE2 . GLU B 1 27 ? 1.509   11.169  -7.367  1.00 0.00 ? 27 GLU B OE2 1 
ATOM 588 N N   . MET B 1 28 ? 1.818   6.122   -3.747  1.00 0.00 ? 28 MET B N   1 
ATOM 589 C CA  . MET B 1 28 ? 1.114   4.865   -3.335  1.00 0.00 ? 28 MET B CA  1 
ATOM 590 C C   . MET B 1 28 ? 1.262   4.655   -1.826  1.00 0.00 ? 28 MET B C   1 
ATOM 591 O O   . MET B 1 28 ? 0.324   4.260   -1.161  1.00 0.00 ? 28 MET B O   1 
ATOM 592 C CB  . MET B 1 28 ? 1.812   3.743   -4.110  1.00 0.00 ? 28 MET B CB  1 
ATOM 593 C CG  . MET B 1 28 ? 1.086   3.509   -5.436  1.00 0.00 ? 28 MET B CG  1 
ATOM 594 S SD  . MET B 1 28 ? 1.695   1.986   -6.194  1.00 0.00 ? 28 MET B SD  1 
ATOM 595 C CE  . MET B 1 28 ? 2.948   2.735   -7.261  1.00 0.00 ? 28 MET B CE  1 
ATOM 596 N N   . LEU B 1 29 ? 2.421   4.931   -1.284  1.00 0.00 ? 29 LEU B N   1 
ATOM 597 C CA  . LEU B 1 29 ? 2.628   4.762   0.182   1.00 0.00 ? 29 LEU B CA  1 
ATOM 598 C C   . LEU B 1 29 ? 1.765   5.770   0.948   1.00 0.00 ? 29 LEU B C   1 
ATOM 599 O O   . LEU B 1 29 ? 1.234   5.466   2.001   1.00 0.00 ? 29 LEU B O   1 
ATOM 600 C CB  . LEU B 1 29 ? 4.119   5.039   0.411   1.00 0.00 ? 29 LEU B CB  1 
ATOM 601 C CG  . LEU B 1 29 ? 4.631   4.178   1.564   1.00 0.00 ? 29 LEU B CG  1 
ATOM 602 C CD1 . LEU B 1 29 ? 4.691   2.714   1.128   1.00 0.00 ? 29 LEU B CD1 1 
ATOM 603 C CD2 . LEU B 1 29 ? 6.032   4.651   1.958   1.00 0.00 ? 29 LEU B CD2 1 
ATOM 604 N N   . GLU B 1 30 ? 1.611   6.959   0.422   1.00 0.00 ? 30 GLU B N   1 
ATOM 605 C CA  . GLU B 1 30 ? 0.774   7.989   1.098   1.00 0.00 ? 30 GLU B CA  1 
ATOM 606 C C   . GLU B 1 30 ? -0.680  7.519   1.173   1.00 0.00 ? 30 GLU B C   1 
ATOM 607 O O   . GLU B 1 30 ? -1.308  7.589   2.209   1.00 0.00 ? 30 GLU B O   1 
ATOM 608 C CB  . GLU B 1 30 ? 0.882   9.228   0.211   1.00 0.00 ? 30 GLU B CB  1 
ATOM 609 C CG  . GLU B 1 30 ? 0.208   10.422  0.895   1.00 0.00 ? 30 GLU B CG  1 
ATOM 610 C CD  . GLU B 1 30 ? -1.121  10.727  0.209   1.00 0.00 ? 30 GLU B CD  1 
ATOM 611 O OE1 . GLU B 1 30 ? -1.106  11.461  -0.770  1.00 0.00 ? 30 GLU B OE1 1 
ATOM 612 O OE2 . GLU B 1 30 ? -2.133  10.222  0.663   1.00 0.00 ? 30 GLU B OE2 1 
ATOM 613 N N   . LYS B 1 31 ? -1.213  7.048   0.072   1.00 0.00 ? 31 LYS B N   1 
ATOM 614 C CA  . LYS B 1 31 ? -2.628  6.573   0.066   1.00 0.00 ? 31 LYS B CA  1 
ATOM 615 C C   . LYS B 1 31 ? -2.821  5.432   1.069   1.00 0.00 ? 31 LYS B C   1 
ATOM 616 O O   . LYS B 1 31 ? -3.779  5.417   1.812   1.00 0.00 ? 31 LYS B O   1 
ATOM 617 C CB  . LYS B 1 31 ? -2.887  6.076   -1.359  1.00 0.00 ? 31 LYS B CB  1 
ATOM 618 C CG  . LYS B 1 31 ? -3.495  7.201   -2.188  1.00 0.00 ? 31 LYS B CG  1 
ATOM 619 C CD  . LYS B 1 31 ? -2.385  7.990   -2.879  1.00 0.00 ? 31 LYS B CD  1 
ATOM 620 C CE  . LYS B 1 31 ? -3.003  9.110   -3.721  1.00 0.00 ? 31 LYS B CE  1 
ATOM 621 N NZ  . LYS B 1 31 ? -2.057  10.258  -3.604  1.00 0.00 ? 31 LYS B NZ  1 
ATOM 622 N N   . LEU B 1 32 ? -1.920  4.481   1.105   1.00 0.00 ? 32 LEU B N   1 
ATOM 623 C CA  . LEU B 1 32 ? -2.067  3.348   2.071   1.00 0.00 ? 32 LEU B CA  1 
ATOM 624 C C   . LEU B 1 32 ? -1.988  3.872   3.509   1.00 0.00 ? 32 LEU B C   1 
ATOM 625 O O   . LEU B 1 32 ? -2.730  3.442   4.367   1.00 0.00 ? 32 LEU B O   1 
ATOM 626 C CB  . LEU B 1 32 ? -0.908  2.390   1.775   1.00 0.00 ? 32 LEU B CB  1 
ATOM 627 C CG  . LEU B 1 32 ? -1.321  0.967   2.166   1.00 0.00 ? 32 LEU B CG  1 
ATOM 628 C CD1 . LEU B 1 32 ? -2.282  0.405   1.118   1.00 0.00 ? 32 LEU B CD1 1 
ATOM 629 C CD2 . LEU B 1 32 ? -0.081  0.076   2.246   1.00 0.00 ? 32 LEU B CD2 1 
ATOM 630 N N   . GLU B 1 33 ? -1.109  4.810   3.766   1.00 0.00 ? 33 GLU B N   1 
ATOM 631 C CA  . GLU B 1 33 ? -1.005  5.377   5.138   1.00 0.00 ? 33 GLU B CA  1 
ATOM 632 C C   . GLU B 1 33 ? -2.319  6.068   5.509   1.00 0.00 ? 33 GLU B C   1 
ATOM 633 O O   . GLU B 1 33 ? -2.806  5.937   6.614   1.00 0.00 ? 33 GLU B O   1 
ATOM 634 C CB  . GLU B 1 33 ? 0.142   6.393   5.075   1.00 0.00 ? 33 GLU B CB  1 
ATOM 635 C CG  . GLU B 1 33 ? 1.386   5.808   5.755   1.00 0.00 ? 33 GLU B CG  1 
ATOM 636 C CD  . GLU B 1 33 ? 2.641   6.289   5.026   1.00 0.00 ? 33 GLU B CD  1 
ATOM 637 O OE1 . GLU B 1 33 ? 3.045   7.420   5.259   1.00 0.00 ? 33 GLU B OE1 1 
ATOM 638 O OE2 . GLU B 1 33 ? 3.185   5.523   4.248   1.00 0.00 ? 33 GLU B OE2 1 
ATOM 639 N N   . VAL B 1 34 ? -2.898  6.794   4.583   1.00 0.00 ? 34 VAL B N   1 
ATOM 640 C CA  . VAL B 1 34 ? -4.191  7.485   4.865   1.00 0.00 ? 34 VAL B CA  1 
ATOM 641 C C   . VAL B 1 34 ? -5.305  6.451   5.066   1.00 0.00 ? 34 VAL B C   1 
ATOM 642 O O   . VAL B 1 34 ? -6.173  6.621   5.896   1.00 0.00 ? 34 VAL B O   1 
ATOM 643 C CB  . VAL B 1 34 ? -4.452  8.361   3.630   1.00 0.00 ? 34 VAL B CB  1 
ATOM 644 C CG1 . VAL B 1 34 ? -5.902  8.842   3.626   1.00 0.00 ? 34 VAL B CG1 1 
ATOM 645 C CG2 . VAL B 1 34 ? -3.517  9.568   3.649   1.00 0.00 ? 34 VAL B CG2 1 
ATOM 646 N N   . VAL B 1 35 ? -5.284  5.377   4.312   1.00 0.00 ? 35 VAL B N   1 
ATOM 647 C CA  . VAL B 1 35 ? -6.336  4.323   4.459   1.00 0.00 ? 35 VAL B CA  1 
ATOM 648 C C   . VAL B 1 35 ? -6.229  3.673   5.839   1.00 0.00 ? 35 VAL B C   1 
ATOM 649 O O   . VAL B 1 35 ? -7.225  3.423   6.497   1.00 0.00 ? 35 VAL B O   1 
ATOM 650 C CB  . VAL B 1 35 ? -6.052  3.298   3.350   1.00 0.00 ? 35 VAL B CB  1 
ATOM 651 C CG1 . VAL B 1 35 ? -7.065  2.150   3.431   1.00 0.00 ? 35 VAL B CG1 1 
ATOM 652 C CG2 . VAL B 1 35 ? -6.153  3.978   1.981   1.00 0.00 ? 35 VAL B CG2 1 
ATOM 653 N N   . VAL B 1 36 ? -5.029  3.412   6.291   1.00 0.00 ? 36 VAL B N   1 
ATOM 654 C CA  . VAL B 1 36 ? -4.846  2.794   7.635   1.00 0.00 ? 36 VAL B CA  1 
ATOM 655 C C   . VAL B 1 36 ? -5.192  3.832   8.712   1.00 0.00 ? 36 VAL B C   1 
ATOM 656 O O   . VAL B 1 36 ? -5.785  3.511   9.725   1.00 0.00 ? 36 VAL B O   1 
ATOM 657 C CB  . VAL B 1 36 ? -3.369  2.395   7.698   1.00 0.00 ? 36 VAL B CB  1 
ATOM 658 C CG1 . VAL B 1 36 ? -3.013  1.949   9.117   1.00 0.00 ? 36 VAL B CG1 1 
ATOM 659 C CG2 . VAL B 1 36 ? -3.109  1.238   6.735   1.00 0.00 ? 36 VAL B CG2 1 
ATOM 660 N N   . ASN B 1 37 ? -4.835  5.075   8.489   1.00 0.00 ? 37 ASN B N   1 
ATOM 661 C CA  . ASN B 1 37 ? -5.154  6.147   9.479   1.00 0.00 ? 37 ASN B CA  1 
ATOM 662 C C   . ASN B 1 37 ? -6.665  6.389   9.514   1.00 0.00 ? 37 ASN B C   1 
ATOM 663 O O   . ASN B 1 37 ? -7.223  6.694   10.551  1.00 0.00 ? 37 ASN B O   1 
ATOM 664 C CB  . ASN B 1 37 ? -4.423  7.397   8.978   1.00 0.00 ? 37 ASN B CB  1 
ATOM 665 C CG  . ASN B 1 37 ? -3.031  7.472   9.617   1.00 0.00 ? 37 ASN B CG  1 
ATOM 666 O OD1 . ASN B 1 37 ? -2.830  8.196   10.570  1.00 0.00 ? 37 ASN B OD1 1 
ATOM 667 N ND2 . ASN B 1 37 ? -2.059  6.750   9.126   1.00 0.00 ? 37 ASN B ND2 1 
ATOM 668 N N   . GLU B 1 38 ? -7.332  6.244   8.393   1.00 0.00 ? 38 GLU B N   1 
ATOM 669 C CA  . GLU B 1 38 ? -8.812  6.441   8.364   1.00 0.00 ? 38 GLU B CA  1 
ATOM 670 C C   . GLU B 1 38 ? -9.469  5.391   9.256   1.00 0.00 ? 38 GLU B C   1 
ATOM 671 O O   . GLU B 1 38 ? -10.378 5.685   10.007  1.00 0.00 ? 38 GLU B O   1 
ATOM 672 C CB  . GLU B 1 38 ? -9.221  6.253   6.902   1.00 0.00 ? 38 GLU B CB  1 
ATOM 673 C CG  . GLU B 1 38 ? -9.119  7.588   6.164   1.00 0.00 ? 38 GLU B CG  1 
ATOM 674 C CD  . GLU B 1 38 ? -10.251 7.699   5.139   1.00 0.00 ? 38 GLU B CD  1 
ATOM 675 O OE1 . GLU B 1 38 ? -10.068 7.232   4.029   1.00 0.00 ? 38 GLU B OE1 1 
ATOM 676 O OE2 . GLU B 1 38 ? -11.287 8.248   5.488   1.00 0.00 ? 38 GLU B OE2 1 
ATOM 677 N N   . ARG B 1 39 ? -8.998  4.173   9.188   1.00 0.00 ? 39 ARG B N   1 
ATOM 678 C CA  . ARG B 1 39 ? -9.569  3.102   10.049  1.00 0.00 ? 39 ARG B CA  1 
ATOM 679 C C   . ARG B 1 39 ? -9.122  3.323   11.500  1.00 0.00 ? 39 ARG B C   1 
ATOM 680 O O   . ARG B 1 39 ? -9.838  3.009   12.430  1.00 0.00 ? 39 ARG B O   1 
ATOM 681 C CB  . ARG B 1 39 ? -9.011  1.789   9.499   1.00 0.00 ? 39 ARG B CB  1 
ATOM 682 C CG  . ARG B 1 39 ? -9.833  1.358   8.284   1.00 0.00 ? 39 ARG B CG  1 
ATOM 683 C CD  . ARG B 1 39 ? -11.291 1.121   8.705   1.00 0.00 ? 39 ARG B CD  1 
ATOM 684 N NE  . ARG B 1 39 ? -11.586 -0.302  8.361   1.00 0.00 ? 39 ARG B NE  1 
ATOM 685 C CZ  . ARG B 1 39 ? -12.811 -0.773  8.462   1.00 0.00 ? 39 ARG B CZ  1 
ATOM 686 N NH1 . ARG B 1 39 ? -13.829 0.036   8.628   1.00 0.00 ? 39 ARG B NH1 1 
ATOM 687 N NH2 . ARG B 1 39 ? -13.015 -2.067  8.385   1.00 0.00 ? 39 ARG B NH2 1 
ATOM 688 N N   . ARG B 1 40 ? -7.951  3.889   11.690  1.00 0.00 ? 40 ARG B N   1 
ATOM 689 C CA  . ARG B 1 40 ? -7.463  4.165   13.076  1.00 0.00 ? 40 ARG B CA  1 
ATOM 690 C C   . ARG B 1 40 ? -8.413  5.150   13.762  1.00 0.00 ? 40 ARG B C   1 
ATOM 691 O O   . ARG B 1 40 ? -8.714  5.019   14.934  1.00 0.00 ? 40 ARG B O   1 
ATOM 692 C CB  . ARG B 1 40 ? -6.077  4.800   12.908  1.00 0.00 ? 40 ARG B CB  1 
ATOM 693 C CG  . ARG B 1 40 ? -5.006  3.709   12.824  1.00 0.00 ? 40 ARG B CG  1 
ATOM 694 C CD  . ARG B 1 40 ? -3.652  4.359   12.529  1.00 0.00 ? 40 ARG B CD  1 
ATOM 695 N NE  . ARG B 1 40 ? -2.797  3.269   11.967  1.00 0.00 ? 40 ARG B NE  1 
ATOM 696 C CZ  . ARG B 1 40 ? -1.566  3.518   11.573  1.00 0.00 ? 40 ARG B CZ  1 
ATOM 697 N NH1 . ARG B 1 40 ? -1.140  4.754   11.458  1.00 0.00 ? 40 ARG B NH1 1 
ATOM 698 N NH2 . ARG B 1 40 ? -0.766  2.527   11.287  1.00 0.00 ? 40 ARG B NH2 1 
ATOM 699 N N   . GLU B 1 41 ? -8.908  6.121   13.027  1.00 0.00 ? 41 GLU B N   1 
ATOM 700 C CA  . GLU B 1 41 ? -9.857  7.109   13.617  1.00 0.00 ? 41 GLU B CA  1 
ATOM 701 C C   . GLU B 1 41 ? -11.134 6.387   14.063  1.00 0.00 ? 41 GLU B C   1 
ATOM 702 O O   . GLU B 1 41 ? -11.683 6.675   15.109  1.00 0.00 ? 41 GLU B O   1 
ATOM 703 C CB  . GLU B 1 41 ? -10.165 8.096   12.487  1.00 0.00 ? 41 GLU B CB  1 
ATOM 704 C CG  . GLU B 1 41 ? -10.750 9.391   13.066  1.00 0.00 ? 41 GLU B CG  1 
ATOM 705 C CD  . GLU B 1 41 ? -12.234 9.188   13.405  1.00 0.00 ? 41 GLU B CD  1 
ATOM 706 O OE1 . GLU B 1 41 ? -12.990 8.852   12.510  1.00 0.00 ? 41 GLU B OE1 1 
ATOM 707 O OE2 . GLU B 1 41 ? -12.586 9.377   14.560  1.00 0.00 ? 41 GLU B OE2 1 
ATOM 708 N N   . GLU B 1 42 ? -11.598 5.443   13.277  1.00 0.00 ? 42 GLU B N   1 
ATOM 709 C CA  . GLU B 1 42 ? -12.829 4.690   13.658  1.00 0.00 ? 42 GLU B CA  1 
ATOM 710 C C   . GLU B 1 42 ? -12.547 3.810   14.880  1.00 0.00 ? 42 GLU B C   1 
ATOM 711 O O   . GLU B 1 42 ? -13.377 3.670   15.760  1.00 0.00 ? 42 GLU B O   1 
ATOM 712 C CB  . GLU B 1 42 ? -13.167 3.827   12.436  1.00 0.00 ? 42 GLU B CB  1 
ATOM 713 C CG  . GLU B 1 42 ? -14.522 3.136   12.640  1.00 0.00 ? 42 GLU B CG  1 
ATOM 714 C CD  . GLU B 1 42 ? -15.630 4.188   12.729  1.00 0.00 ? 42 GLU B CD  1 
ATOM 715 O OE1 . GLU B 1 42 ? -16.053 4.662   11.687  1.00 0.00 ? 42 GLU B OE1 1 
ATOM 716 O OE2 . GLU B 1 42 ? -16.043 4.497   13.836  1.00 0.00 ? 42 GLU B OE2 1 
ATOM 717 N N   . GLU B 1 43 ? -11.373 3.230   14.949  1.00 0.00 ? 43 GLU B N   1 
ATOM 718 C CA  . GLU B 1 43 ? -11.018 2.369   16.115  1.00 0.00 ? 43 GLU B CA  1 
ATOM 719 C C   . GLU B 1 43 ? -10.857 3.234   17.373  1.00 0.00 ? 43 GLU B C   1 
ATOM 720 O O   . GLU B 1 43 ? -11.248 2.840   18.457  1.00 0.00 ? 43 GLU B O   1 
ATOM 721 C CB  . GLU B 1 43 ? -9.682  1.713   15.738  1.00 0.00 ? 43 GLU B CB  1 
ATOM 722 C CG  . GLU B 1 43 ? -9.912  0.688   14.618  1.00 0.00 ? 43 GLU B CG  1 
ATOM 723 C CD  . GLU B 1 43 ? -10.268 -0.672  15.225  1.00 0.00 ? 43 GLU B CD  1 
ATOM 724 O OE1 . GLU B 1 43 ? -11.440 -0.898  15.469  1.00 0.00 ? 43 GLU B OE1 1 
ATOM 725 O OE2 . GLU B 1 43 ? -9.361  -1.461  15.438  1.00 0.00 ? 43 GLU B OE2 1 
ATOM 726 N N   . SER B 1 44 ? -10.291 4.411   17.233  1.00 0.00 ? 44 SER B N   1 
ATOM 727 C CA  . SER B 1 44 ? -10.114 5.309   18.415  1.00 0.00 ? 44 SER B CA  1 
ATOM 728 C C   . SER B 1 44 ? -11.468 5.890   18.842  1.00 0.00 ? 44 SER B C   1 
ATOM 729 O O   . SER B 1 44 ? -11.703 6.139   20.010  1.00 0.00 ? 44 SER B O   1 
ATOM 730 C CB  . SER B 1 44 ? -9.184  6.424   17.935  1.00 0.00 ? 44 SER B CB  1 
ATOM 731 O OG  . SER B 1 44 ? -8.430  6.913   19.036  1.00 0.00 ? 44 SER B OG  1 
ATOM 732 N N   . ALA B 1 45 ? -12.364 6.099   17.906  1.00 0.00 ? 45 ALA B N   1 
ATOM 733 C CA  . ALA B 1 45 ? -13.706 6.655   18.247  1.00 0.00 ? 45 ALA B CA  1 
ATOM 734 C C   . ALA B 1 45 ? -14.547 5.597   18.975  1.00 0.00 ? 45 ALA B C   1 
ATOM 735 O O   . ALA B 1 45 ? -15.293 5.906   19.887  1.00 0.00 ? 45 ALA B O   1 
ATOM 736 C CB  . ALA B 1 45 ? -14.345 7.023   16.907  1.00 0.00 ? 45 ALA B CB  1 
ATOM 737 N N   . ALA B 1 46 ? -14.432 4.353   18.578  1.00 0.00 ? 46 ALA B N   1 
ATOM 738 C CA  . ALA B 1 46 ? -15.216 3.269   19.243  1.00 0.00 ? 46 ALA B CA  1 
ATOM 739 C C   . ALA B 1 46 ? -14.600 2.919   20.603  1.00 0.00 ? 46 ALA B C   1 
ATOM 740 O O   . ALA B 1 46 ? -13.394 2.730   20.659  1.00 0.00 ? 46 ALA B O   1 
ATOM 741 C CB  . ALA B 1 46 ? -15.139 2.073   18.290  1.00 0.00 ? 46 ALA B CB  1 
ATOM 742 O OXT . ALA B 1 46 ? -15.345 2.847   21.568  1.00 0.00 ? 46 ALA B OXT 1 
# 
